data_4XOQ
#
_entry.id   4XOQ
#
_cell.length_a   136.612
_cell.length_b   136.612
_cell.length_c   101.743
_cell.angle_alpha   90.00
_cell.angle_beta   90.00
_cell.angle_gamma   90.00
#
_symmetry.space_group_name_H-M   'P 41 21 2'
#
loop_
_entity.id
_entity.type
_entity.pdbx_description
1 polymer 'Coenzyme F420:L-glutamate ligase'
2 non-polymer 'COENZYME F420'
3 non-polymer 'SULFATE ION'
4 water water
#
_entity_poly.entity_id   1
_entity_poly.type   'polypeptide(L)'
_entity_poly.pdbx_seq_one_letter_code
;GAMTAEALELGRQQAQLLRRSVRRFSTDPVPGDLVEAAVAEALTAPAPHHTRPTRFVWLQTPAIRARLLDRMKDKWRSDL
TSDGLPADAIERRVARGQILYDAPEVVIPMLVPDGAHSYPDAARTDAEHTMFTVAVGAAVQALLVALAVRGLGSCWIGST
IFAADLVRDELDLPVDWEPLGAIAIGYADEPSGLRDPVPAADLLILK
;
_entity_poly.pdbx_strand_id   A,B,C,D
#
# COMPACT_ATOMS: atom_id res chain seq x y z
N THR A 4 -42.10 -16.30 -18.22
CA THR A 4 -41.52 -15.08 -17.55
C THR A 4 -40.42 -15.53 -16.62
N ALA A 5 -40.72 -16.52 -15.77
CA ALA A 5 -39.72 -17.14 -14.90
C ALA A 5 -38.60 -17.80 -15.70
N GLU A 6 -38.98 -18.54 -16.75
CA GLU A 6 -38.00 -19.14 -17.68
C GLU A 6 -37.11 -18.06 -18.39
N ALA A 7 -37.75 -16.99 -18.86
CA ALA A 7 -37.09 -15.86 -19.54
C ALA A 7 -36.05 -15.17 -18.64
N LEU A 8 -36.48 -14.80 -17.43
CA LEU A 8 -35.57 -14.20 -16.44
C LEU A 8 -34.39 -15.11 -16.06
N GLU A 9 -34.62 -16.43 -15.93
CA GLU A 9 -33.48 -17.35 -15.66
C GLU A 9 -32.58 -17.40 -16.89
N LEU A 10 -33.19 -17.41 -18.09
CA LEU A 10 -32.42 -17.43 -19.33
C LEU A 10 -31.52 -16.20 -19.38
N GLY A 11 -32.13 -15.03 -19.16
CA GLY A 11 -31.44 -13.74 -19.17
C GLY A 11 -30.20 -13.73 -18.30
N ARG A 12 -30.33 -14.24 -17.06
CA ARG A 12 -29.21 -14.41 -16.13
C ARG A 12 -28.09 -15.24 -16.72
N GLN A 13 -28.48 -16.26 -17.46
CA GLN A 13 -27.49 -17.14 -18.07
C GLN A 13 -27.12 -16.66 -19.47
N GLN A 14 -27.62 -15.50 -19.88
CA GLN A 14 -27.11 -14.85 -21.10
C GLN A 14 -26.15 -13.73 -20.84
N ALA A 15 -26.16 -13.18 -19.61
CA ALA A 15 -25.43 -11.94 -19.31
C ALA A 15 -23.97 -12.00 -19.79
N GLN A 16 -23.26 -13.07 -19.41
CA GLN A 16 -21.83 -13.19 -19.78
C GLN A 16 -21.68 -13.61 -21.25
N LEU A 17 -22.76 -14.13 -21.84
CA LEU A 17 -22.73 -14.59 -23.20
C LEU A 17 -22.93 -13.42 -24.13
N LEU A 18 -23.40 -12.31 -23.59
CA LEU A 18 -23.50 -11.09 -24.36
C LEU A 18 -22.12 -10.48 -24.58
N ARG A 19 -21.15 -10.84 -23.76
CA ARG A 19 -19.81 -10.27 -23.81
C ARG A 19 -18.95 -10.75 -24.99
N ARG A 20 -18.65 -9.83 -25.92
CA ARG A 20 -17.75 -10.11 -27.03
C ARG A 20 -16.63 -9.11 -27.01
N SER A 21 -15.50 -9.53 -27.61
CA SER A 21 -14.33 -8.67 -27.73
C SER A 21 -14.50 -7.90 -29.07
N VAL A 22 -15.20 -6.77 -29.00
CA VAL A 22 -15.67 -6.07 -30.20
C VAL A 22 -14.55 -5.23 -30.81
N ARG A 23 -14.31 -5.43 -32.08
CA ARG A 23 -13.24 -4.75 -32.83
C ARG A 23 -13.69 -3.43 -33.46
N ARG A 24 -14.97 -3.35 -33.86
CA ARG A 24 -15.48 -2.23 -34.65
C ARG A 24 -16.68 -1.63 -33.93
N PHE A 25 -16.65 -0.31 -33.75
CA PHE A 25 -17.74 0.37 -33.04
C PHE A 25 -18.47 1.29 -33.98
N SER A 26 -19.75 1.55 -33.71
CA SER A 26 -20.44 2.63 -34.41
C SER A 26 -20.01 3.96 -33.78
N THR A 27 -20.34 5.05 -34.45
CA THR A 27 -19.93 6.40 -34.00
C THR A 27 -20.97 7.01 -33.07
N ASP A 28 -22.04 6.27 -32.78
CA ASP A 28 -22.99 6.68 -31.76
C ASP A 28 -22.29 7.03 -30.43
N PRO A 29 -22.68 8.17 -29.82
CA PRO A 29 -22.06 8.49 -28.53
C PRO A 29 -22.51 7.56 -27.43
N VAL A 30 -21.64 7.37 -26.44
CA VAL A 30 -21.93 6.51 -25.33
C VAL A 30 -22.38 7.38 -24.17
N PRO A 31 -23.58 7.12 -23.61
CA PRO A 31 -24.01 7.92 -22.47
C PRO A 31 -23.13 7.69 -21.26
N GLY A 32 -22.60 8.78 -20.72
CA GLY A 32 -21.61 8.72 -19.65
C GLY A 32 -22.12 7.96 -18.44
N ASP A 33 -23.42 8.08 -18.18
CA ASP A 33 -23.98 7.45 -16.99
C ASP A 33 -23.95 5.91 -17.07
N LEU A 34 -23.97 5.36 -18.28
CA LEU A 34 -23.86 3.91 -18.45
C LEU A 34 -22.46 3.42 -18.07
N VAL A 35 -21.43 4.20 -18.41
CA VAL A 35 -20.06 3.86 -18.04
C VAL A 35 -19.91 3.91 -16.53
N GLU A 36 -20.42 4.96 -15.90
CA GLU A 36 -20.31 5.10 -14.45
C GLU A 36 -20.99 3.94 -13.74
N ALA A 37 -22.21 3.63 -14.17
CA ALA A 37 -22.99 2.56 -13.54
C ALA A 37 -22.35 1.22 -13.80
N ALA A 38 -21.79 1.04 -15.01
CA ALA A 38 -21.02 -0.18 -15.34
C ALA A 38 -19.78 -0.35 -14.43
N VAL A 39 -19.05 0.74 -14.21
CA VAL A 39 -17.88 0.69 -13.34
C VAL A 39 -18.29 0.37 -11.88
N ALA A 40 -19.36 0.97 -11.39
CA ALA A 40 -19.89 0.63 -10.07
C ALA A 40 -20.16 -0.91 -9.94
N GLU A 41 -20.76 -1.50 -10.98
CA GLU A 41 -21.00 -2.95 -11.01
C GLU A 41 -19.68 -3.74 -11.08
N ALA A 42 -18.71 -3.27 -11.87
CA ALA A 42 -17.41 -3.97 -11.95
C ALA A 42 -16.72 -4.16 -10.59
N LEU A 43 -16.83 -3.14 -9.74
CA LEU A 43 -16.19 -3.15 -8.46
C LEU A 43 -16.92 -4.01 -7.42
N THR A 44 -17.96 -4.73 -7.84
CA THR A 44 -18.50 -5.82 -7.05
C THR A 44 -17.69 -7.10 -7.17
N ALA A 45 -16.72 -7.14 -8.11
CA ALA A 45 -15.80 -8.28 -8.22
C ALA A 45 -15.08 -8.44 -6.89
N PRO A 46 -14.67 -9.67 -6.56
CA PRO A 46 -14.07 -9.91 -5.26
C PRO A 46 -12.65 -9.31 -5.16
N ALA A 47 -12.21 -9.07 -3.93
CA ALA A 47 -10.85 -8.61 -3.64
C ALA A 47 -10.42 -9.16 -2.32
N PRO A 48 -9.11 -9.29 -2.09
CA PRO A 48 -8.71 -9.71 -0.74
C PRO A 48 -9.24 -8.79 0.37
N HIS A 49 -9.42 -9.38 1.54
CA HIS A 49 -10.01 -8.72 2.69
C HIS A 49 -9.30 -7.39 2.98
N HIS A 50 -10.09 -6.32 3.06
CA HIS A 50 -9.59 -4.98 3.39
C HIS A 50 -8.60 -4.42 2.35
N THR A 51 -8.81 -4.75 1.08
CA THR A 51 -8.00 -4.18 0.03
C THR A 51 -8.90 -3.55 -0.98
N ARG A 52 -8.34 -2.60 -1.76
CA ARG A 52 -8.97 -2.04 -2.94
C ARG A 52 -7.97 -2.01 -4.09
N PRO A 53 -7.75 -3.18 -4.71
CA PRO A 53 -6.70 -3.33 -5.71
C PRO A 53 -6.90 -2.56 -7.00
N THR A 54 -8.15 -2.23 -7.34
CA THR A 54 -8.47 -1.75 -8.67
C THR A 54 -8.81 -0.27 -8.68
N ARG A 55 -8.30 0.43 -9.70
CA ARG A 55 -8.74 1.78 -10.02
C ARG A 55 -9.03 1.75 -11.52
N PHE A 56 -10.13 2.38 -11.92
CA PHE A 56 -10.44 2.56 -13.31
C PHE A 56 -10.20 4.01 -13.71
N VAL A 57 -9.43 4.21 -14.78
CA VAL A 57 -9.02 5.55 -15.22
C VAL A 57 -9.60 5.85 -16.59
N TRP A 58 -10.56 6.78 -16.59
CA TRP A 58 -11.36 7.02 -17.74
C TRP A 58 -10.73 8.22 -18.45
N LEU A 59 -10.26 7.99 -19.66
CA LEU A 59 -9.58 9.01 -20.46
C LEU A 59 -10.60 9.83 -21.25
N GLN A 60 -11.21 10.82 -20.59
CA GLN A 60 -12.26 11.65 -21.21
C GLN A 60 -11.70 12.73 -22.12
N THR A 61 -10.55 13.29 -21.75
CA THR A 61 -9.91 14.33 -22.54
C THR A 61 -9.30 13.76 -23.84
N PRO A 62 -9.90 14.08 -25.01
CA PRO A 62 -9.39 13.42 -26.23
C PRO A 62 -7.92 13.71 -26.52
N ALA A 63 -7.43 14.91 -26.21
CA ALA A 63 -6.02 15.21 -26.46
C ALA A 63 -5.06 14.39 -25.60
N ILE A 64 -5.49 13.97 -24.41
CA ILE A 64 -4.64 13.21 -23.52
C ILE A 64 -4.55 11.75 -23.99
N ARG A 65 -5.69 11.19 -24.37
CA ARG A 65 -5.73 9.86 -24.98
C ARG A 65 -4.79 9.77 -26.19
N ALA A 66 -4.94 10.71 -27.10
CA ALA A 66 -4.15 10.69 -28.33
C ALA A 66 -2.64 10.81 -28.06
N ARG A 67 -2.25 11.66 -27.12
CA ARG A 67 -0.84 11.82 -26.82
C ARG A 67 -0.27 10.54 -26.19
N LEU A 68 -1.06 9.90 -25.33
CA LEU A 68 -0.61 8.68 -24.68
C LEU A 68 -0.44 7.58 -25.73
N LEU A 69 -1.46 7.38 -26.54
CA LEU A 69 -1.40 6.36 -27.59
C LEU A 69 -0.28 6.62 -28.58
N ASP A 70 -0.04 7.88 -28.96
CA ASP A 70 1.03 8.19 -29.92
C ASP A 70 2.39 7.78 -29.38
N ARG A 71 2.61 7.99 -28.08
CA ARG A 71 3.88 7.64 -27.44
C ARG A 71 4.06 6.14 -27.30
N MET A 72 2.97 5.46 -27.02
CA MET A 72 2.95 4.02 -26.91
C MET A 72 3.23 3.45 -28.30
N LYS A 73 2.68 4.10 -29.32
CA LYS A 73 2.93 3.65 -30.68
C LYS A 73 4.40 3.79 -31.05
N ASP A 74 5.04 4.90 -30.65
CA ASP A 74 6.48 5.10 -30.90
C ASP A 74 7.36 4.08 -30.18
N LYS A 75 6.98 3.69 -28.96
CA LYS A 75 7.71 2.66 -28.24
C LYS A 75 7.56 1.33 -28.96
N TRP A 76 6.31 1.03 -29.33
CA TRP A 76 5.95 -0.21 -30.03
C TRP A 76 6.74 -0.39 -31.34
N ARG A 77 6.86 0.68 -32.14
CA ARG A 77 7.62 0.60 -33.39
C ARG A 77 9.08 0.42 -33.14
N SER A 78 9.60 1.17 -32.17
CA SER A 78 11.01 1.04 -31.84
C SER A 78 11.35 -0.37 -31.26
N ASP A 79 10.49 -0.94 -30.44
CA ASP A 79 10.72 -2.30 -29.93
C ASP A 79 10.81 -3.31 -31.06
N LEU A 80 9.80 -3.28 -31.92
CA LEU A 80 9.74 -4.22 -33.03
C LEU A 80 10.86 -4.01 -34.03
N THR A 81 11.31 -2.76 -34.15
CA THR A 81 12.44 -2.42 -34.98
C THR A 81 13.72 -3.00 -34.39
N SER A 82 13.91 -2.96 -33.08
CA SER A 82 15.05 -3.66 -32.46
C SER A 82 15.03 -5.17 -32.73
N ASP A 83 13.85 -5.76 -32.78
CA ASP A 83 13.69 -7.20 -33.04
C ASP A 83 14.06 -7.62 -34.47
N GLY A 84 14.24 -6.64 -35.36
CA GLY A 84 14.59 -6.92 -36.74
C GLY A 84 13.40 -7.28 -37.60
N LEU A 85 12.20 -6.94 -37.13
CA LEU A 85 11.01 -7.07 -37.96
C LEU A 85 11.09 -6.09 -39.11
N PRO A 86 10.59 -6.51 -40.29
CA PRO A 86 10.51 -5.64 -41.46
C PRO A 86 9.35 -4.62 -41.33
N ALA A 87 9.54 -3.42 -41.87
CA ALA A 87 8.54 -2.34 -41.74
C ALA A 87 7.11 -2.76 -42.13
N ASP A 88 6.99 -3.67 -43.08
CA ASP A 88 5.68 -4.20 -43.50
C ASP A 88 4.98 -4.88 -42.33
N ALA A 89 5.66 -5.83 -41.70
CA ALA A 89 5.07 -6.58 -40.61
C ALA A 89 4.87 -5.71 -39.35
N ILE A 90 5.65 -4.64 -39.20
CA ILE A 90 5.49 -3.69 -38.08
C ILE A 90 4.14 -2.93 -38.18
N GLU A 91 3.83 -2.34 -39.33
CA GLU A 91 2.56 -1.63 -39.46
C GLU A 91 1.37 -2.55 -39.27
N ARG A 92 1.46 -3.79 -39.76
CA ARG A 92 0.41 -4.78 -39.52
C ARG A 92 0.23 -5.05 -38.04
N ARG A 93 1.32 -5.09 -37.28
CA ARG A 93 1.26 -5.26 -35.81
C ARG A 93 0.70 -4.00 -35.13
N VAL A 94 1.33 -2.84 -35.35
CA VAL A 94 0.89 -1.64 -34.62
C VAL A 94 -0.56 -1.25 -34.96
N ALA A 95 -1.01 -1.56 -36.18
CA ALA A 95 -2.38 -1.26 -36.61
C ALA A 95 -3.47 -1.96 -35.80
N ARG A 96 -3.12 -3.05 -35.10
CA ARG A 96 -4.05 -3.68 -34.18
C ARG A 96 -4.40 -2.77 -32.99
N GLY A 97 -3.60 -1.72 -32.74
CA GLY A 97 -3.88 -0.75 -31.68
C GLY A 97 -4.71 0.45 -32.11
N GLN A 98 -5.04 0.55 -33.40
CA GLN A 98 -5.88 1.65 -33.92
C GLN A 98 -7.25 1.73 -33.24
N ILE A 99 -7.78 0.59 -32.82
CA ILE A 99 -9.03 0.54 -32.10
C ILE A 99 -9.05 1.44 -30.83
N LEU A 100 -7.92 1.58 -30.16
CA LEU A 100 -7.88 2.50 -29.02
C LEU A 100 -8.00 3.98 -29.46
N TYR A 101 -7.59 4.32 -30.68
CA TYR A 101 -7.75 5.67 -31.20
C TYR A 101 -9.22 5.97 -31.53
N ASP A 102 -9.93 4.95 -32.02
CA ASP A 102 -11.23 5.08 -32.70
C ASP A 102 -12.40 4.87 -31.76
N ALA A 103 -12.20 4.11 -30.68
CA ALA A 103 -13.26 3.79 -29.73
C ALA A 103 -13.93 5.02 -29.14
N PRO A 104 -15.25 4.98 -28.97
CA PRO A 104 -15.95 6.13 -28.37
C PRO A 104 -15.39 6.51 -27.01
N GLU A 105 -15.04 5.52 -26.18
CA GLU A 105 -14.47 5.73 -24.86
C GLU A 105 -13.37 4.68 -24.57
N VAL A 106 -12.36 5.08 -23.81
CA VAL A 106 -11.31 4.22 -23.31
C VAL A 106 -11.18 4.37 -21.79
N VAL A 107 -11.12 3.21 -21.14
CA VAL A 107 -10.87 3.13 -19.72
C VAL A 107 -9.67 2.22 -19.48
N ILE A 108 -8.73 2.67 -18.63
CA ILE A 108 -7.53 1.89 -18.31
C ILE A 108 -7.67 1.31 -16.93
N PRO A 109 -7.76 -0.02 -16.82
CA PRO A 109 -7.77 -0.61 -15.51
C PRO A 109 -6.37 -0.57 -14.87
N MET A 110 -6.29 -0.26 -13.58
CA MET A 110 -5.02 -0.13 -12.90
C MET A 110 -5.02 -0.84 -11.56
N LEU A 111 -3.85 -1.41 -11.24
CA LEU A 111 -3.55 -1.96 -9.93
C LEU A 111 -2.92 -0.90 -9.08
N VAL A 112 -3.32 -0.86 -7.80
CA VAL A 112 -2.68 -0.02 -6.77
C VAL A 112 -2.64 -0.81 -5.49
N PRO A 113 -1.62 -0.59 -4.64
CA PRO A 113 -1.40 -1.40 -3.44
C PRO A 113 -2.19 -0.96 -2.23
N ASP A 114 -3.45 -0.58 -2.42
CA ASP A 114 -4.31 -0.10 -1.37
C ASP A 114 -4.77 -1.27 -0.50
N GLY A 115 -4.29 -1.31 0.73
CA GLY A 115 -4.50 -2.46 1.63
C GLY A 115 -3.43 -3.56 1.57
N ALA A 116 -2.38 -3.41 0.74
CA ALA A 116 -1.34 -4.45 0.65
C ALA A 116 -0.63 -4.58 1.96
N HIS A 117 -0.25 -5.80 2.29
N HIS A 117 -0.25 -5.81 2.32
CA HIS A 117 0.60 -6.12 3.43
CA HIS A 117 0.57 -6.05 3.48
C HIS A 117 2.03 -5.77 3.04
C HIS A 117 2.03 -5.82 3.07
N SER A 118 2.84 -5.34 3.99
CA SER A 118 4.27 -5.12 3.74
C SER A 118 5.05 -6.36 4.22
N TYR A 119 5.68 -7.12 3.32
CA TYR A 119 6.53 -8.28 3.70
C TYR A 119 8.01 -7.93 3.49
N PRO A 120 8.91 -8.40 4.35
CA PRO A 120 10.33 -8.09 4.11
C PRO A 120 10.97 -8.90 2.97
N ASP A 121 10.32 -9.99 2.56
CA ASP A 121 10.92 -10.94 1.61
C ASP A 121 10.33 -10.77 0.21
N ALA A 122 11.13 -11.02 -0.82
CA ALA A 122 10.64 -10.87 -2.20
C ALA A 122 9.53 -11.87 -2.58
N ALA A 123 9.56 -13.06 -2.01
CA ALA A 123 8.60 -14.10 -2.37
C ALA A 123 7.18 -13.71 -2.02
N ARG A 124 6.94 -13.35 -0.76
CA ARG A 124 5.62 -12.98 -0.33
C ARG A 124 5.19 -11.63 -0.90
N THR A 125 6.15 -10.73 -1.12
CA THR A 125 5.88 -9.45 -1.81
C THR A 125 5.38 -9.70 -3.21
N ASP A 126 6.04 -10.61 -3.93
CA ASP A 126 5.58 -10.95 -5.29
C ASP A 126 4.22 -11.62 -5.26
N ALA A 127 4.03 -12.55 -4.31
CA ALA A 127 2.74 -13.28 -4.19
C ALA A 127 1.58 -12.31 -3.98
N GLU A 128 1.77 -11.35 -3.08
CA GLU A 128 0.74 -10.31 -2.80
C GLU A 128 0.42 -9.55 -4.07
N HIS A 129 1.49 -9.11 -4.75
CA HIS A 129 1.33 -8.41 -6.03
C HIS A 129 0.52 -9.24 -7.07
N THR A 130 0.82 -10.53 -7.18
CA THR A 130 0.11 -11.42 -8.09
C THR A 130 -1.36 -11.53 -7.69
N MET A 131 -1.61 -11.65 -6.39
CA MET A 131 -2.97 -11.71 -5.89
C MET A 131 -3.77 -10.44 -6.27
N PHE A 132 -3.15 -9.28 -6.09
CA PHE A 132 -3.77 -8.02 -6.46
C PHE A 132 -4.05 -7.93 -7.97
N THR A 133 -3.13 -8.48 -8.74
CA THR A 133 -3.31 -8.55 -10.20
C THR A 133 -4.47 -9.43 -10.63
N VAL A 134 -4.66 -10.55 -9.95
CA VAL A 134 -5.78 -11.41 -10.26
C VAL A 134 -7.10 -10.65 -9.96
N ALA A 135 -7.13 -9.92 -8.86
CA ALA A 135 -8.30 -9.18 -8.44
C ALA A 135 -8.64 -8.12 -9.47
N VAL A 136 -7.64 -7.40 -9.96
CA VAL A 136 -7.94 -6.41 -11.00
C VAL A 136 -8.53 -7.09 -12.26
N GLY A 137 -7.98 -8.24 -12.65
CA GLY A 137 -8.53 -8.94 -13.81
C GLY A 137 -9.97 -9.36 -13.65
N ALA A 138 -10.32 -9.78 -12.43
CA ALA A 138 -11.71 -10.03 -12.10
C ALA A 138 -12.60 -8.80 -12.33
N ALA A 139 -12.15 -7.65 -11.85
CA ALA A 139 -12.87 -6.40 -12.04
C ALA A 139 -12.99 -6.04 -13.50
N VAL A 140 -11.99 -6.40 -14.29
CA VAL A 140 -12.04 -6.16 -15.74
C VAL A 140 -13.20 -6.91 -16.39
N GLN A 141 -13.30 -8.21 -16.12
CA GLN A 141 -14.39 -9.04 -16.65
C GLN A 141 -15.72 -8.46 -16.22
N ALA A 142 -15.82 -8.11 -14.91
CA ALA A 142 -17.05 -7.54 -14.38
C ALA A 142 -17.41 -6.26 -15.13
N LEU A 143 -16.43 -5.43 -15.46
CA LEU A 143 -16.73 -4.26 -16.32
C LEU A 143 -17.22 -4.61 -17.74
N LEU A 144 -16.58 -5.58 -18.37
CA LEU A 144 -16.92 -5.91 -19.76
C LEU A 144 -18.36 -6.48 -19.83
N VAL A 145 -18.69 -7.30 -18.83
CA VAL A 145 -20.03 -7.78 -18.65
C VAL A 145 -21.08 -6.68 -18.33
N ALA A 146 -20.74 -5.77 -17.41
CA ALA A 146 -21.66 -4.74 -16.95
C ALA A 146 -21.96 -3.75 -18.06
N LEU A 147 -21.00 -3.57 -18.96
CA LEU A 147 -21.24 -2.83 -20.16
C LEU A 147 -22.15 -3.57 -21.12
N ALA A 148 -21.89 -4.87 -21.34
CA ALA A 148 -22.67 -5.66 -22.28
C ALA A 148 -24.14 -5.65 -21.92
N VAL A 149 -24.37 -5.77 -20.63
CA VAL A 149 -25.68 -5.86 -20.05
C VAL A 149 -26.40 -4.52 -20.14
N ARG A 150 -25.66 -3.45 -20.39
CA ARG A 150 -26.23 -2.17 -20.73
C ARG A 150 -26.20 -1.93 -22.23
N GLY A 151 -25.97 -2.98 -23.01
CA GLY A 151 -25.99 -2.87 -24.48
C GLY A 151 -24.71 -2.32 -25.09
N LEU A 152 -23.65 -2.17 -24.30
CA LEU A 152 -22.40 -1.59 -24.77
C LEU A 152 -21.36 -2.65 -25.07
N GLY A 153 -20.77 -2.56 -26.26
CA GLY A 153 -19.65 -3.41 -26.65
C GLY A 153 -18.37 -2.91 -26.01
N SER A 154 -17.38 -3.78 -25.90
CA SER A 154 -16.10 -3.42 -25.29
C SER A 154 -15.03 -4.37 -25.76
N CYS A 155 -13.77 -3.98 -25.59
CA CYS A 155 -12.64 -4.85 -25.91
C CYS A 155 -11.54 -4.59 -24.92
N TRP A 156 -11.05 -5.61 -24.25
CA TRP A 156 -9.87 -5.43 -23.40
C TRP A 156 -8.61 -5.83 -24.16
N ILE A 157 -7.60 -4.97 -24.19
CA ILE A 157 -6.33 -5.36 -24.78
C ILE A 157 -5.13 -5.01 -23.89
N GLY A 158 -4.14 -5.91 -23.85
CA GLY A 158 -3.00 -5.81 -22.94
C GLY A 158 -2.19 -4.54 -23.02
N SER A 159 -2.01 -4.05 -24.23
CA SER A 159 -1.52 -2.72 -24.56
C SER A 159 -0.60 -2.05 -23.56
N THR A 160 -1.24 -1.31 -22.64
CA THR A 160 -0.56 -0.43 -21.70
C THR A 160 0.38 -1.19 -20.73
N ILE A 161 0.18 -2.50 -20.59
CA ILE A 161 1.06 -3.32 -19.77
C ILE A 161 2.49 -3.26 -20.27
N PHE A 162 2.65 -3.08 -21.58
CA PHE A 162 3.96 -3.02 -22.21
C PHE A 162 4.53 -1.60 -22.25
N ALA A 163 3.83 -0.61 -21.68
CA ALA A 163 4.29 0.77 -21.71
C ALA A 163 3.97 1.48 -20.38
N ALA A 164 4.24 0.79 -19.27
CA ALA A 164 3.75 1.23 -17.98
C ALA A 164 4.30 2.59 -17.63
N ASP A 165 5.59 2.81 -17.83
CA ASP A 165 6.18 4.14 -17.55
C ASP A 165 5.58 5.27 -18.35
N LEU A 166 5.29 5.01 -19.61
CA LEU A 166 4.70 6.02 -20.50
C LEU A 166 3.36 6.43 -19.97
N VAL A 167 2.60 5.44 -19.50
CA VAL A 167 1.24 5.65 -19.06
C VAL A 167 1.27 6.53 -17.79
N ARG A 168 2.09 6.16 -16.83
CA ARG A 168 2.23 6.91 -15.58
C ARG A 168 2.72 8.33 -15.79
N ASP A 169 3.65 8.49 -16.72
CA ASP A 169 4.19 9.79 -17.01
C ASP A 169 3.16 10.68 -17.66
N GLU A 170 2.55 10.18 -18.73
CA GLU A 170 1.57 10.93 -19.48
C GLU A 170 0.33 11.26 -18.64
N LEU A 171 -0.06 10.38 -17.72
CA LEU A 171 -1.23 10.65 -16.86
C LEU A 171 -0.89 11.23 -15.48
N ASP A 172 0.40 11.50 -15.20
CA ASP A 172 0.84 12.04 -13.91
C ASP A 172 0.45 11.20 -12.71
N LEU A 173 0.64 9.90 -12.81
CA LEU A 173 0.20 9.02 -11.77
C LEU A 173 1.42 8.55 -11.03
N PRO A 174 1.26 8.26 -9.73
CA PRO A 174 2.39 7.78 -8.93
C PRO A 174 2.97 6.46 -9.41
N VAL A 175 4.20 6.21 -8.98
CA VAL A 175 4.98 5.06 -9.43
C VAL A 175 4.31 3.71 -9.16
N ASP A 176 3.49 3.62 -8.13
CA ASP A 176 2.91 2.34 -7.79
C ASP A 176 1.51 2.04 -8.37
N TRP A 177 0.98 2.93 -9.22
CA TRP A 177 -0.16 2.60 -10.05
C TRP A 177 0.32 1.85 -11.30
N GLU A 178 -0.17 0.63 -11.46
CA GLU A 178 0.25 -0.25 -12.53
C GLU A 178 -0.87 -0.46 -13.56
N PRO A 179 -0.64 -0.01 -14.81
CA PRO A 179 -1.70 -0.22 -15.81
C PRO A 179 -1.83 -1.66 -16.19
N LEU A 180 -3.06 -2.12 -16.36
CA LEU A 180 -3.32 -3.50 -16.73
C LEU A 180 -4.10 -3.63 -18.05
N GLY A 181 -3.75 -2.76 -19.00
CA GLY A 181 -4.30 -2.79 -20.34
C GLY A 181 -5.19 -1.61 -20.61
N ALA A 182 -6.18 -1.81 -21.47
CA ALA A 182 -7.03 -0.71 -21.92
C ALA A 182 -8.32 -1.30 -22.37
N ILE A 183 -9.43 -0.63 -22.03
CA ILE A 183 -10.75 -1.12 -22.40
C ILE A 183 -11.46 -0.13 -23.32
N ALA A 184 -11.58 -0.51 -24.60
CA ALA A 184 -12.34 0.27 -25.53
C ALA A 184 -13.82 0.01 -25.30
N ILE A 185 -14.64 1.06 -25.42
CA ILE A 185 -16.09 0.99 -25.16
C ILE A 185 -16.89 1.72 -26.24
N GLY A 186 -17.96 1.10 -26.69
CA GLY A 186 -18.86 1.70 -27.68
C GLY A 186 -19.95 0.73 -28.09
N TYR A 187 -20.93 1.21 -28.84
CA TYR A 187 -21.94 0.39 -29.49
C TYR A 187 -21.33 -0.37 -30.65
N ALA A 188 -21.50 -1.68 -30.65
CA ALA A 188 -20.93 -2.52 -31.69
C ALA A 188 -21.40 -2.04 -33.05
N ASP A 189 -20.49 -1.84 -33.99
CA ASP A 189 -20.88 -1.42 -35.32
C ASP A 189 -21.83 -2.42 -36.00
N GLU A 190 -21.54 -3.70 -35.85
CA GLU A 190 -22.39 -4.75 -36.37
C GLU A 190 -22.70 -5.71 -35.22
N PRO A 191 -23.97 -5.82 -34.82
CA PRO A 191 -24.35 -6.71 -33.72
C PRO A 191 -23.95 -8.18 -33.97
N SER A 192 -23.73 -8.92 -32.89
CA SER A 192 -23.37 -10.33 -32.98
C SER A 192 -24.41 -11.09 -32.19
N GLY A 193 -24.60 -12.36 -32.55
CA GLY A 193 -25.39 -13.29 -31.74
C GLY A 193 -24.64 -13.71 -30.49
N LEU A 194 -25.35 -14.34 -29.56
CA LEU A 194 -24.78 -14.71 -28.26
C LEU A 194 -23.73 -15.78 -28.35
N ARG A 195 -22.81 -15.79 -27.39
CA ARG A 195 -21.93 -16.93 -27.20
C ARG A 195 -22.78 -18.16 -26.84
N ASP A 196 -22.34 -19.30 -27.35
CA ASP A 196 -22.82 -20.59 -26.92
C ASP A 196 -21.54 -21.36 -26.57
N PRO A 197 -21.09 -21.29 -25.30
CA PRO A 197 -19.79 -21.87 -24.92
C PRO A 197 -19.71 -23.35 -25.17
N VAL A 198 -18.54 -23.78 -25.61
CA VAL A 198 -18.30 -25.19 -25.85
C VAL A 198 -17.87 -25.78 -24.51
N PRO A 199 -17.99 -27.09 -24.31
CA PRO A 199 -17.48 -27.70 -23.07
C PRO A 199 -15.97 -27.38 -22.79
N ALA A 200 -15.54 -27.43 -21.54
CA ALA A 200 -14.18 -27.05 -21.20
C ALA A 200 -13.13 -28.05 -21.72
N ALA A 201 -13.53 -29.31 -21.90
CA ALA A 201 -12.63 -30.33 -22.43
C ALA A 201 -11.29 -30.26 -21.67
N ASP A 202 -10.19 -30.11 -22.40
CA ASP A 202 -8.88 -30.21 -21.77
C ASP A 202 -8.50 -29.00 -20.93
N LEU A 203 -9.35 -27.98 -20.89
CA LEU A 203 -9.09 -26.78 -20.10
C LEU A 203 -9.50 -26.98 -18.65
N LEU A 204 -10.19 -28.08 -18.40
CA LEU A 204 -10.57 -28.44 -17.03
C LEU A 204 -9.89 -29.73 -16.68
N ILE A 205 -9.07 -29.69 -15.65
CA ILE A 205 -8.27 -30.82 -15.22
C ILE A 205 -8.87 -31.37 -13.92
N LEU A 206 -9.04 -32.67 -13.85
CA LEU A 206 -9.62 -33.34 -12.69
C LEU A 206 -8.53 -33.99 -11.88
N LYS A 207 -8.48 -33.79 -10.57
CA LYS A 207 -7.44 -34.45 -9.75
C LYS A 207 -8.02 -35.23 -8.60
N THR B 4 -41.83 -11.10 -21.02
CA THR B 4 -40.63 -12.00 -21.21
C THR B 4 -39.47 -11.23 -21.82
N ALA B 5 -39.76 -10.22 -22.65
CA ALA B 5 -38.70 -9.36 -23.17
C ALA B 5 -38.06 -8.57 -22.02
N GLU B 6 -38.89 -7.95 -21.17
CA GLU B 6 -38.41 -7.26 -19.96
C GLU B 6 -37.72 -8.22 -18.94
N ALA B 7 -38.34 -9.40 -18.70
CA ALA B 7 -37.78 -10.44 -17.80
C ALA B 7 -36.39 -10.88 -18.27
N LEU B 8 -36.26 -11.07 -19.58
CA LEU B 8 -34.96 -11.39 -20.19
C LEU B 8 -33.96 -10.25 -19.97
N GLU B 9 -34.39 -9.01 -20.21
CA GLU B 9 -33.58 -7.80 -19.94
C GLU B 9 -33.15 -7.74 -18.47
N LEU B 10 -34.11 -7.93 -17.57
CA LEU B 10 -33.84 -7.93 -16.12
C LEU B 10 -32.86 -9.07 -15.70
N GLY B 11 -33.07 -10.29 -16.21
CA GLY B 11 -32.18 -11.45 -15.88
C GLY B 11 -30.69 -11.21 -16.17
N ARG B 12 -30.43 -10.74 -17.38
CA ARG B 12 -29.14 -10.19 -17.78
C ARG B 12 -28.53 -9.14 -16.80
N GLN B 13 -29.35 -8.20 -16.36
CA GLN B 13 -28.94 -7.16 -15.42
C GLN B 13 -28.66 -7.72 -14.03
N GLN B 14 -29.34 -8.82 -13.67
CA GLN B 14 -29.17 -9.37 -12.33
C GLN B 14 -27.89 -10.21 -12.12
N ALA B 15 -27.36 -10.76 -13.20
CA ALA B 15 -26.37 -11.80 -13.18
C ALA B 15 -25.27 -11.54 -12.18
N GLN B 16 -24.54 -10.45 -12.39
CA GLN B 16 -23.34 -10.22 -11.56
C GLN B 16 -23.72 -9.83 -10.15
N LEU B 17 -24.95 -9.38 -9.95
CA LEU B 17 -25.39 -8.92 -8.66
C LEU B 17 -25.81 -10.09 -7.76
N LEU B 18 -25.83 -11.29 -8.31
CA LEU B 18 -26.09 -12.46 -7.49
C LEU B 18 -24.79 -12.94 -6.85
N ARG B 19 -23.65 -12.41 -7.25
CA ARG B 19 -22.36 -12.97 -6.79
C ARG B 19 -21.93 -12.39 -5.43
N ARG B 20 -21.73 -13.27 -4.45
CA ARG B 20 -21.22 -12.92 -3.13
C ARG B 20 -20.00 -13.77 -2.85
N SER B 21 -19.05 -13.24 -2.08
CA SER B 21 -17.93 -14.07 -1.65
C SER B 21 -18.48 -14.87 -0.47
N VAL B 22 -18.96 -16.09 -0.75
CA VAL B 22 -19.67 -16.86 0.27
C VAL B 22 -18.69 -17.60 1.17
N ARG B 23 -18.82 -17.46 2.49
CA ARG B 23 -17.88 -18.06 3.45
C ARG B 23 -18.39 -19.33 4.17
N ARG B 24 -19.71 -19.56 4.18
CA ARG B 24 -20.32 -20.68 4.89
C ARG B 24 -21.33 -21.34 3.92
N PHE B 25 -21.16 -22.64 3.68
CA PHE B 25 -22.00 -23.40 2.77
C PHE B 25 -22.73 -24.46 3.50
N SER B 26 -23.90 -24.82 2.98
CA SER B 26 -24.60 -26.03 3.41
C SER B 26 -23.93 -27.26 2.82
N THR B 27 -24.33 -28.40 3.35
CA THR B 27 -23.70 -29.66 3.00
C THR B 27 -24.43 -30.35 1.84
N ASP B 28 -25.47 -29.70 1.33
CA ASP B 28 -26.07 -30.11 0.07
C ASP B 28 -25.01 -30.32 -1.03
N PRO B 29 -25.00 -31.51 -1.64
CA PRO B 29 -24.00 -31.82 -2.64
C PRO B 29 -24.11 -30.93 -3.89
N VAL B 30 -22.99 -30.69 -4.55
CA VAL B 30 -22.98 -29.84 -5.72
C VAL B 30 -23.10 -30.66 -6.99
N PRO B 31 -24.14 -30.43 -7.81
CA PRO B 31 -24.16 -31.23 -9.03
C PRO B 31 -22.96 -30.95 -9.97
N GLY B 32 -22.21 -31.99 -10.30
CA GLY B 32 -21.06 -31.87 -11.17
C GLY B 32 -21.37 -31.18 -12.48
N ASP B 33 -22.51 -31.53 -13.09
CA ASP B 33 -22.98 -30.85 -14.30
C ASP B 33 -22.89 -29.34 -14.25
N LEU B 34 -23.27 -28.76 -13.11
CA LEU B 34 -23.35 -27.32 -13.00
C LEU B 34 -21.94 -26.72 -12.93
N VAL B 35 -21.03 -27.42 -12.25
CA VAL B 35 -19.62 -26.97 -12.21
C VAL B 35 -19.00 -26.96 -13.59
N GLU B 36 -19.24 -28.03 -14.36
CA GLU B 36 -18.67 -28.13 -15.71
C GLU B 36 -19.22 -27.04 -16.63
N ALA B 37 -20.54 -26.82 -16.61
CA ALA B 37 -21.14 -25.79 -17.44
C ALA B 37 -20.66 -24.39 -16.98
N ALA B 38 -20.57 -24.17 -15.67
CA ALA B 38 -20.01 -22.90 -15.17
C ALA B 38 -18.58 -22.67 -15.64
N VAL B 39 -17.76 -23.72 -15.58
CA VAL B 39 -16.38 -23.58 -16.07
C VAL B 39 -16.36 -23.24 -17.56
N ALA B 40 -17.27 -23.84 -18.34
CA ALA B 40 -17.33 -23.55 -19.76
C ALA B 40 -17.69 -22.08 -20.00
N GLU B 41 -18.58 -21.54 -19.18
CA GLU B 41 -18.99 -20.13 -19.30
C GLU B 41 -17.83 -19.23 -18.89
N ALA B 42 -17.10 -19.70 -17.87
CA ALA B 42 -15.95 -18.96 -17.34
C ALA B 42 -14.93 -18.67 -18.44
N LEU B 43 -14.73 -19.65 -19.30
CA LEU B 43 -13.73 -19.58 -20.36
C LEU B 43 -14.17 -18.73 -21.54
N THR B 44 -15.35 -18.12 -21.46
CA THR B 44 -15.72 -17.05 -22.39
C THR B 44 -15.08 -15.73 -22.01
N ALA B 45 -14.49 -15.66 -20.82
CA ALA B 45 -13.68 -14.48 -20.47
C ALA B 45 -12.64 -14.13 -21.57
N PRO B 46 -12.24 -12.84 -21.67
CA PRO B 46 -11.32 -12.52 -22.75
C PRO B 46 -9.87 -13.05 -22.49
N ALA B 47 -9.16 -13.35 -23.56
CA ALA B 47 -7.78 -13.76 -23.51
C ALA B 47 -7.06 -13.04 -24.64
N PRO B 48 -5.76 -12.81 -24.47
CA PRO B 48 -5.03 -12.32 -25.64
C PRO B 48 -5.22 -13.25 -26.85
N HIS B 49 -5.12 -12.69 -28.05
CA HIS B 49 -5.38 -13.41 -29.28
C HIS B 49 -4.49 -14.65 -29.35
N HIS B 50 -5.08 -15.79 -29.73
CA HIS B 50 -4.35 -17.02 -29.94
C HIS B 50 -3.62 -17.56 -28.68
N THR B 51 -4.21 -17.33 -27.51
CA THR B 51 -3.68 -17.85 -26.25
C THR B 51 -4.76 -18.60 -25.52
N ARG B 52 -4.39 -19.42 -24.55
CA ARG B 52 -5.32 -20.00 -23.60
C ARG B 52 -4.67 -19.94 -22.20
N PRO B 53 -4.78 -18.78 -21.53
CA PRO B 53 -3.98 -18.58 -20.33
C PRO B 53 -4.42 -19.39 -19.13
N THR B 54 -5.69 -19.80 -19.13
CA THR B 54 -6.33 -20.38 -17.97
C THR B 54 -6.55 -21.89 -18.02
N ARG B 55 -6.30 -22.53 -16.89
CA ARG B 55 -6.73 -23.88 -16.62
C ARG B 55 -7.43 -23.86 -15.27
N PHE B 56 -8.45 -24.70 -15.15
CA PHE B 56 -9.12 -24.93 -13.88
C PHE B 56 -8.86 -26.34 -13.41
N VAL B 57 -8.36 -26.45 -12.19
CA VAL B 57 -8.00 -27.73 -11.62
C VAL B 57 -8.94 -28.04 -10.47
N TRP B 58 -9.84 -28.99 -10.74
CA TRP B 58 -10.87 -29.33 -9.83
C TRP B 58 -10.39 -30.46 -8.93
N LEU B 59 -10.28 -30.19 -7.64
CA LEU B 59 -9.77 -31.17 -6.68
C LEU B 59 -10.85 -32.10 -6.17
N GLN B 60 -11.24 -33.04 -7.02
CA GLN B 60 -12.34 -33.95 -6.70
C GLN B 60 -11.98 -35.03 -5.71
N THR B 61 -10.70 -35.40 -5.64
CA THR B 61 -10.25 -36.41 -4.68
C THR B 61 -10.03 -35.82 -3.28
N PRO B 62 -10.85 -36.24 -2.30
CA PRO B 62 -10.72 -35.62 -0.97
C PRO B 62 -9.33 -35.73 -0.33
N ALA B 63 -8.66 -36.88 -0.44
CA ALA B 63 -7.35 -37.02 0.23
C ALA B 63 -6.30 -36.13 -0.41
N ILE B 64 -6.43 -35.90 -1.71
CA ILE B 64 -5.50 -35.01 -2.40
C ILE B 64 -5.71 -33.57 -1.91
N ARG B 65 -6.97 -33.13 -1.92
CA ARG B 65 -7.29 -31.80 -1.42
C ARG B 65 -6.74 -31.59 -0.02
N ALA B 66 -7.03 -32.57 0.85
CA ALA B 66 -6.66 -32.50 2.26
C ALA B 66 -5.15 -32.39 2.46
N ARG B 67 -4.40 -33.20 1.70
CA ARG B 67 -2.95 -33.22 1.83
C ARG B 67 -2.27 -31.93 1.33
N LEU B 68 -2.77 -31.38 0.24
CA LEU B 68 -2.23 -30.13 -0.29
C LEU B 68 -2.46 -29.01 0.73
N LEU B 69 -3.68 -28.86 1.18
CA LEU B 69 -4.00 -27.88 2.23
C LEU B 69 -3.17 -28.05 3.52
N ASP B 70 -2.97 -29.28 3.96
CA ASP B 70 -2.11 -29.53 5.13
C ASP B 70 -0.70 -29.06 4.90
N ARG B 71 -0.16 -29.37 3.73
CA ARG B 71 1.17 -28.91 3.37
C ARG B 71 1.21 -27.37 3.33
N MET B 72 0.17 -26.78 2.77
CA MET B 72 0.10 -25.31 2.73
C MET B 72 0.09 -24.71 4.13
N LYS B 73 -0.73 -25.28 5.02
CA LYS B 73 -0.87 -24.77 6.41
C LYS B 73 0.47 -24.77 7.14
N ASP B 74 1.16 -25.89 7.00
CA ASP B 74 2.47 -26.07 7.60
C ASP B 74 3.43 -24.98 7.11
N LYS B 75 3.45 -24.71 5.82
CA LYS B 75 4.31 -23.64 5.32
C LYS B 75 3.87 -22.29 5.92
N TRP B 76 2.55 -22.08 6.01
CA TRP B 76 1.96 -20.86 6.54
C TRP B 76 2.42 -20.58 7.94
N ARG B 77 2.28 -21.58 8.82
CA ARG B 77 2.71 -21.46 10.22
C ARG B 77 4.19 -21.20 10.30
N SER B 78 4.93 -21.85 9.42
CA SER B 78 6.36 -21.70 9.40
C SER B 78 6.78 -20.26 8.97
N ASP B 79 6.12 -19.67 7.98
CA ASP B 79 6.41 -18.31 7.57
C ASP B 79 6.10 -17.32 8.71
N LEU B 80 4.90 -17.45 9.27
CA LEU B 80 4.44 -16.53 10.33
C LEU B 80 5.28 -16.65 11.59
N THR B 81 5.78 -17.86 11.87
CA THR B 81 6.72 -18.07 12.96
C THR B 81 8.08 -17.35 12.75
N SER B 82 8.63 -17.41 11.54
CA SER B 82 9.81 -16.60 11.17
C SER B 82 9.62 -15.12 11.39
N ASP B 83 8.40 -14.64 11.16
CA ASP B 83 8.03 -13.24 11.38
C ASP B 83 8.00 -12.85 12.83
N GLY B 84 7.93 -13.85 13.72
CA GLY B 84 7.92 -13.63 15.16
C GLY B 84 6.52 -13.40 15.70
N LEU B 85 5.48 -13.74 14.92
CA LEU B 85 4.12 -13.65 15.46
C LEU B 85 3.92 -14.59 16.66
N PRO B 86 3.13 -14.18 17.62
CA PRO B 86 2.86 -15.11 18.71
C PRO B 86 1.88 -16.19 18.26
N ALA B 87 1.85 -17.33 18.95
CA ALA B 87 1.13 -18.53 18.46
C ALA B 87 -0.37 -18.29 18.22
N ASP B 88 -1.04 -17.56 19.13
CA ASP B 88 -2.46 -17.28 18.96
C ASP B 88 -2.73 -16.47 17.70
N ALA B 89 -1.85 -15.56 17.39
CA ALA B 89 -1.98 -14.73 16.19
C ALA B 89 -1.75 -15.56 14.94
N ILE B 90 -0.79 -16.48 14.98
CA ILE B 90 -0.54 -17.40 13.85
C ILE B 90 -1.80 -18.22 13.56
N GLU B 91 -2.37 -18.79 14.61
CA GLU B 91 -3.56 -19.62 14.51
C GLU B 91 -4.81 -18.86 14.05
N ARG B 92 -4.95 -17.60 14.47
CA ARG B 92 -6.10 -16.83 13.97
C ARG B 92 -5.95 -16.62 12.49
N ARG B 93 -4.75 -16.30 12.02
CA ARG B 93 -4.53 -16.12 10.58
C ARG B 93 -4.74 -17.41 9.82
N VAL B 94 -4.16 -18.48 10.33
CA VAL B 94 -4.24 -19.77 9.67
C VAL B 94 -5.69 -20.29 9.61
N ALA B 95 -6.51 -19.94 10.60
CA ALA B 95 -7.91 -20.37 10.64
C ALA B 95 -8.75 -19.78 9.50
N ARG B 96 -8.30 -18.67 8.93
CA ARG B 96 -9.02 -18.08 7.83
C ARG B 96 -9.05 -19.04 6.62
N GLY B 97 -8.15 -20.03 6.60
CA GLY B 97 -8.07 -20.95 5.47
C GLY B 97 -8.98 -22.16 5.59
N GLN B 98 -9.70 -22.27 6.71
CA GLN B 98 -10.50 -23.48 6.99
C GLN B 98 -11.63 -23.69 5.95
N ILE B 99 -12.11 -22.58 5.40
CA ILE B 99 -13.11 -22.64 4.37
C ILE B 99 -12.74 -23.64 3.25
N LEU B 100 -11.46 -23.72 2.89
CA LEU B 100 -11.06 -24.63 1.82
C LEU B 100 -11.15 -26.10 2.24
N TYR B 101 -11.05 -26.40 3.54
CA TYR B 101 -11.20 -27.77 4.00
C TYR B 101 -12.67 -28.19 3.92
N ASP B 102 -13.56 -27.27 4.30
CA ASP B 102 -14.97 -27.55 4.46
C ASP B 102 -15.79 -27.38 3.19
N ALA B 103 -15.27 -26.68 2.20
CA ALA B 103 -16.06 -26.37 1.03
C ALA B 103 -16.51 -27.66 0.35
N PRO B 104 -17.75 -27.70 -0.17
CA PRO B 104 -18.17 -28.89 -0.91
C PRO B 104 -17.29 -29.18 -2.14
N GLU B 105 -16.93 -28.15 -2.90
CA GLU B 105 -15.98 -28.32 -4.01
C GLU B 105 -14.92 -27.24 -3.98
N VAL B 106 -13.71 -27.58 -4.43
CA VAL B 106 -12.62 -26.62 -4.55
C VAL B 106 -11.97 -26.71 -5.95
N VAL B 107 -11.76 -25.58 -6.58
CA VAL B 107 -11.20 -25.53 -7.92
C VAL B 107 -10.03 -24.54 -7.89
N ILE B 108 -8.85 -24.97 -8.35
CA ILE B 108 -7.69 -24.09 -8.38
C ILE B 108 -7.58 -23.46 -9.77
N PRO B 109 -7.70 -22.13 -9.86
CA PRO B 109 -7.42 -21.52 -11.15
C PRO B 109 -5.90 -21.42 -11.36
N MET B 110 -5.46 -21.70 -12.60
CA MET B 110 -4.06 -21.70 -12.92
C MET B 110 -3.78 -20.97 -14.23
N LEU B 111 -2.60 -20.35 -14.23
CA LEU B 111 -1.98 -19.77 -15.37
C LEU B 111 -1.05 -20.79 -16.03
N VAL B 112 -1.13 -20.87 -17.35
CA VAL B 112 -0.22 -21.65 -18.14
C VAL B 112 0.10 -20.82 -19.38
N PRO B 113 1.33 -20.89 -19.85
CA PRO B 113 1.74 -20.00 -20.92
C PRO B 113 1.40 -20.52 -22.32
N ASP B 114 0.20 -21.09 -22.49
CA ASP B 114 -0.29 -21.59 -23.78
C ASP B 114 -0.56 -20.43 -24.76
N GLY B 115 0.28 -20.33 -25.79
CA GLY B 115 0.23 -19.28 -26.80
C GLY B 115 1.10 -18.07 -26.49
N ALA B 116 1.84 -18.11 -25.39
CA ALA B 116 2.71 -17.00 -25.00
C ALA B 116 3.73 -16.76 -26.07
N HIS B 117 4.08 -15.51 -26.23
CA HIS B 117 5.15 -15.05 -27.12
C HIS B 117 6.51 -15.21 -26.38
N SER B 118 7.57 -15.66 -27.04
CA SER B 118 8.92 -15.70 -26.43
C SER B 118 9.72 -14.45 -26.78
N TYR B 119 9.95 -13.61 -25.79
CA TYR B 119 10.74 -12.39 -25.96
C TYR B 119 12.12 -12.61 -25.37
N PRO B 120 13.16 -12.03 -25.95
CA PRO B 120 14.52 -12.12 -25.40
C PRO B 120 14.76 -11.29 -24.13
N ASP B 121 13.86 -10.37 -23.83
CA ASP B 121 14.11 -9.39 -22.80
C ASP B 121 13.20 -9.59 -21.63
N ALA B 122 13.68 -9.26 -20.45
CA ALA B 122 12.85 -9.41 -19.29
C ALA B 122 11.59 -8.52 -19.31
N ALA B 123 11.69 -7.29 -19.80
CA ALA B 123 10.56 -6.34 -19.71
C ALA B 123 9.32 -6.90 -20.36
N ARG B 124 9.44 -7.28 -21.62
CA ARG B 124 8.28 -7.80 -22.35
C ARG B 124 7.89 -9.19 -21.85
N THR B 125 8.85 -10.00 -21.41
CA THR B 125 8.52 -11.29 -20.78
C THR B 125 7.64 -11.10 -19.56
N ASP B 126 8.03 -10.18 -18.70
CA ASP B 126 7.20 -9.88 -17.51
C ASP B 126 5.86 -9.29 -17.90
N ALA B 127 5.82 -8.47 -18.94
CA ALA B 127 4.53 -7.89 -19.39
C ALA B 127 3.57 -8.94 -19.86
N GLU B 128 4.08 -9.89 -20.66
CA GLU B 128 3.28 -10.95 -21.21
C GLU B 128 2.72 -11.78 -20.06
N HIS B 129 3.56 -12.07 -19.07
CA HIS B 129 3.13 -12.81 -17.89
C HIS B 129 2.01 -12.07 -17.13
N THR B 130 2.17 -10.77 -16.98
CA THR B 130 1.14 -9.91 -16.34
C THR B 130 -0.18 -9.97 -17.11
N MET B 131 -0.11 -9.86 -18.44
CA MET B 131 -1.25 -9.94 -19.31
C MET B 131 -1.97 -11.26 -19.16
N PHE B 132 -1.23 -12.36 -19.09
CA PHE B 132 -1.80 -13.67 -18.84
C PHE B 132 -2.44 -13.72 -17.47
N THR B 133 -1.83 -13.10 -16.49
CA THR B 133 -2.38 -13.10 -15.12
C THR B 133 -3.74 -12.40 -15.05
N VAL B 134 -3.85 -11.24 -15.69
CA VAL B 134 -5.11 -10.46 -15.74
C VAL B 134 -6.23 -11.31 -16.36
N ALA B 135 -5.94 -11.94 -17.50
CA ALA B 135 -6.88 -12.85 -18.16
C ALA B 135 -7.38 -13.95 -17.24
N VAL B 136 -6.50 -14.58 -16.49
CA VAL B 136 -6.98 -15.65 -15.59
C VAL B 136 -7.91 -15.04 -14.51
N GLY B 137 -7.52 -13.88 -13.96
CA GLY B 137 -8.40 -13.16 -13.08
C GLY B 137 -9.77 -12.92 -13.68
N ALA B 138 -9.81 -12.59 -14.96
CA ALA B 138 -11.03 -12.34 -15.65
C ALA B 138 -11.84 -13.61 -15.70
N ALA B 139 -11.19 -14.72 -16.05
CA ALA B 139 -11.85 -16.02 -16.03
C ALA B 139 -12.33 -16.41 -14.62
N VAL B 140 -11.62 -16.01 -13.56
CA VAL B 140 -12.04 -16.25 -12.16
C VAL B 140 -13.40 -15.58 -11.87
N GLN B 141 -13.50 -14.28 -12.14
CA GLN B 141 -14.80 -13.57 -12.03
C GLN B 141 -15.89 -14.29 -12.81
N ALA B 142 -15.60 -14.60 -14.06
CA ALA B 142 -16.58 -15.25 -14.91
C ALA B 142 -17.06 -16.57 -14.36
N LEU B 143 -16.20 -17.33 -13.71
CA LEU B 143 -16.63 -18.56 -13.09
C LEU B 143 -17.52 -18.25 -11.91
N LEU B 144 -17.15 -17.26 -11.10
CA LEU B 144 -17.92 -16.95 -9.90
C LEU B 144 -19.35 -16.55 -10.28
N VAL B 145 -19.48 -15.76 -11.33
CA VAL B 145 -20.75 -15.31 -11.85
C VAL B 145 -21.50 -16.48 -12.52
N ALA B 146 -20.80 -17.32 -13.29
CA ALA B 146 -21.46 -18.46 -13.96
C ALA B 146 -22.01 -19.44 -12.94
N LEU B 147 -21.31 -19.58 -11.82
CA LEU B 147 -21.81 -20.40 -10.71
C LEU B 147 -22.99 -19.70 -10.07
N ALA B 148 -22.89 -18.38 -9.87
CA ALA B 148 -24.00 -17.65 -9.25
C ALA B 148 -25.33 -17.79 -10.03
N VAL B 149 -25.29 -17.65 -11.34
CA VAL B 149 -26.52 -17.69 -12.09
C VAL B 149 -27.09 -19.10 -12.11
N ARG B 150 -26.30 -20.10 -11.71
CA ARG B 150 -26.78 -21.48 -11.59
C ARG B 150 -27.20 -21.85 -10.16
N GLY B 151 -27.30 -20.85 -9.29
CA GLY B 151 -27.73 -21.03 -7.88
C GLY B 151 -26.61 -21.42 -6.90
N LEU B 152 -25.36 -21.31 -7.33
CA LEU B 152 -24.24 -21.80 -6.54
C LEU B 152 -23.34 -20.67 -6.09
N GLY B 153 -23.07 -20.66 -4.78
CA GLY B 153 -22.17 -19.75 -4.14
C GLY B 153 -20.71 -20.13 -4.35
N SER B 154 -19.80 -19.19 -4.10
CA SER B 154 -18.38 -19.43 -4.28
C SER B 154 -17.60 -18.39 -3.51
N CYS B 155 -16.31 -18.67 -3.34
CA CYS B 155 -15.39 -17.74 -2.72
C CYS B 155 -14.01 -17.94 -3.31
N TRP B 156 -13.42 -16.89 -3.86
CA TRP B 156 -12.04 -16.91 -4.29
C TRP B 156 -11.09 -16.41 -3.18
N ILE B 157 -10.02 -17.14 -2.96
CA ILE B 157 -9.07 -16.93 -1.88
C ILE B 157 -7.65 -17.00 -2.47
N GLY B 158 -6.81 -16.02 -2.18
CA GLY B 158 -5.47 -15.94 -2.75
C GLY B 158 -4.55 -17.13 -2.41
N SER B 159 -4.72 -17.65 -1.21
CA SER B 159 -4.19 -18.93 -0.80
C SER B 159 -2.98 -19.48 -1.57
N THR B 160 -3.25 -20.29 -2.59
CA THR B 160 -2.21 -21.02 -3.31
C THR B 160 -1.12 -20.17 -3.95
N ILE B 161 -1.38 -18.89 -4.19
CA ILE B 161 -0.35 -17.96 -4.75
C ILE B 161 0.90 -17.91 -3.85
N PHE B 162 0.68 -17.99 -2.54
CA PHE B 162 1.76 -17.99 -1.57
C PHE B 162 2.44 -19.36 -1.35
N ALA B 163 2.04 -20.41 -2.07
CA ALA B 163 2.70 -21.71 -1.95
C ALA B 163 2.77 -22.46 -3.28
N ALA B 164 3.25 -21.80 -4.32
CA ALA B 164 3.16 -22.32 -5.66
C ALA B 164 3.95 -23.61 -5.83
N ASP B 165 5.17 -23.67 -5.35
CA ASP B 165 5.95 -24.91 -5.44
C ASP B 165 5.27 -26.13 -4.84
N LEU B 166 4.67 -25.97 -3.67
CA LEU B 166 3.92 -27.05 -3.01
C LEU B 166 2.72 -27.52 -3.81
N VAL B 167 1.97 -26.58 -4.36
CA VAL B 167 0.84 -26.93 -5.20
C VAL B 167 1.33 -27.72 -6.44
N ARG B 168 2.36 -27.24 -7.11
CA ARG B 168 2.89 -27.95 -8.27
C ARG B 168 3.39 -29.35 -7.84
N ASP B 169 4.14 -29.41 -6.75
CA ASP B 169 4.65 -30.67 -6.27
C ASP B 169 3.55 -31.62 -5.88
N GLU B 170 2.56 -31.14 -5.16
CA GLU B 170 1.51 -32.02 -4.68
C GLU B 170 0.63 -32.55 -5.82
N LEU B 171 0.35 -31.70 -6.79
CA LEU B 171 -0.51 -32.05 -7.92
C LEU B 171 0.26 -32.64 -9.14
N ASP B 172 1.59 -32.75 -9.05
CA ASP B 172 2.43 -33.25 -10.16
C ASP B 172 2.31 -32.45 -11.44
N LEU B 173 2.27 -31.15 -11.31
CA LEU B 173 2.12 -30.26 -12.42
C LEU B 173 3.49 -29.77 -12.80
N PRO B 174 3.74 -29.51 -14.09
CA PRO B 174 4.98 -28.91 -14.56
C PRO B 174 5.24 -27.52 -13.99
N VAL B 175 6.49 -27.10 -14.08
CA VAL B 175 6.92 -25.88 -13.46
C VAL B 175 6.20 -24.61 -13.90
N ASP B 176 5.67 -24.57 -15.13
CA ASP B 176 5.14 -23.33 -15.64
C ASP B 176 3.62 -23.21 -15.43
N TRP B 177 3.03 -24.14 -14.68
CA TRP B 177 1.65 -23.99 -14.23
C TRP B 177 1.73 -23.21 -12.92
N GLU B 178 1.04 -22.08 -12.87
CA GLU B 178 1.09 -21.17 -11.74
C GLU B 178 -0.27 -21.00 -11.12
N PRO B 179 -0.38 -21.41 -9.86
CA PRO B 179 -1.65 -21.32 -9.19
C PRO B 179 -2.00 -19.87 -8.88
N LEU B 180 -3.28 -19.55 -9.03
CA LEU B 180 -3.75 -18.19 -8.82
C LEU B 180 -4.92 -18.12 -7.82
N GLY B 181 -4.80 -18.95 -6.78
CA GLY B 181 -5.71 -18.94 -5.63
C GLY B 181 -6.48 -20.24 -5.58
N ALA B 182 -7.70 -20.16 -5.08
CA ALA B 182 -8.53 -21.33 -4.88
C ALA B 182 -9.97 -20.87 -4.81
N ILE B 183 -10.89 -21.66 -5.35
CA ILE B 183 -12.29 -21.27 -5.39
C ILE B 183 -13.12 -22.34 -4.71
N ALA B 184 -13.65 -22.00 -3.54
CA ALA B 184 -14.57 -22.85 -2.82
C ALA B 184 -15.94 -22.68 -3.44
N ILE B 185 -16.70 -23.76 -3.54
CA ILE B 185 -18.00 -23.72 -4.25
C ILE B 185 -19.01 -24.51 -3.45
N GLY B 186 -20.22 -23.98 -3.35
CA GLY B 186 -21.31 -24.66 -2.66
C GLY B 186 -22.60 -23.85 -2.64
N TYR B 187 -23.68 -24.46 -2.17
CA TYR B 187 -24.92 -23.74 -1.85
C TYR B 187 -24.67 -22.96 -0.56
N ALA B 188 -24.94 -21.66 -0.60
CA ALA B 188 -24.71 -20.79 0.56
C ALA B 188 -25.56 -21.31 1.71
N ASP B 189 -25.01 -21.26 2.92
CA ASP B 189 -25.72 -21.74 4.09
C ASP B 189 -26.91 -20.83 4.42
N GLU B 190 -26.76 -19.52 4.22
CA GLU B 190 -27.86 -18.57 4.38
C GLU B 190 -28.10 -17.83 3.07
N PRO B 191 -29.36 -17.80 2.59
CA PRO B 191 -29.55 -17.04 1.34
C PRO B 191 -29.15 -15.58 1.52
N SER B 192 -28.79 -14.88 0.45
CA SER B 192 -28.73 -13.42 0.50
C SER B 192 -29.26 -12.79 -0.77
N GLY B 193 -29.89 -11.64 -0.62
CA GLY B 193 -30.45 -10.90 -1.74
C GLY B 193 -29.39 -10.44 -2.74
N LEU B 194 -29.91 -9.87 -3.82
CA LEU B 194 -29.11 -9.20 -4.83
C LEU B 194 -28.27 -8.07 -4.20
N ARG B 195 -27.08 -7.85 -4.72
CA ARG B 195 -26.28 -6.69 -4.31
C ARG B 195 -26.92 -5.44 -4.87
N ASP B 196 -26.53 -4.30 -4.34
CA ASP B 196 -26.96 -3.01 -4.84
C ASP B 196 -25.71 -2.15 -4.78
N PRO B 197 -24.91 -2.14 -5.85
CA PRO B 197 -23.59 -1.55 -5.75
C PRO B 197 -23.65 -0.08 -5.52
N VAL B 198 -22.75 0.38 -4.67
CA VAL B 198 -22.58 1.81 -4.43
C VAL B 198 -21.89 2.46 -5.63
N PRO B 199 -22.04 3.77 -5.79
CA PRO B 199 -21.28 4.40 -6.87
C PRO B 199 -19.76 4.19 -6.67
N ALA B 200 -19.03 4.27 -7.78
CA ALA B 200 -17.60 4.01 -7.81
C ALA B 200 -16.80 5.03 -6.98
N ALA B 201 -17.27 6.26 -7.01
CA ALA B 201 -16.64 7.32 -6.23
C ALA B 201 -15.13 7.45 -6.52
N ASP B 202 -14.28 7.40 -5.50
CA ASP B 202 -12.83 7.56 -5.67
C ASP B 202 -12.10 6.39 -6.35
N LEU B 203 -12.81 5.32 -6.70
CA LEU B 203 -12.25 4.19 -7.46
C LEU B 203 -12.32 4.40 -8.98
N LEU B 204 -12.97 5.49 -9.40
CA LEU B 204 -13.05 5.85 -10.81
C LEU B 204 -12.38 7.21 -10.96
N ILE B 205 -11.27 7.25 -11.70
CA ILE B 205 -10.51 8.47 -11.91
C ILE B 205 -10.78 8.99 -13.31
N LEU B 206 -11.15 10.26 -13.38
CA LEU B 206 -11.40 10.94 -14.66
C LEU B 206 -10.17 11.70 -15.12
N LYS B 207 -9.71 11.45 -16.35
CA LYS B 207 -8.52 12.15 -16.89
C LYS B 207 -8.77 12.93 -18.19
N GLY C 11 10.18 5.29 37.82
CA GLY C 11 9.63 6.57 37.33
C GLY C 11 10.17 6.90 35.96
N ARG C 12 11.50 6.86 35.85
CA ARG C 12 12.19 7.04 34.58
C ARG C 12 11.67 6.04 33.54
N GLN C 13 11.39 4.81 33.98
CA GLN C 13 10.87 3.78 33.09
C GLN C 13 9.42 4.06 32.65
N GLN C 14 8.66 4.77 33.47
CA GLN C 14 7.22 5.03 33.24
C GLN C 14 6.93 6.07 32.14
N ALA C 15 7.90 6.95 31.86
CA ALA C 15 7.69 8.20 31.12
C ALA C 15 6.90 8.05 29.83
N GLN C 16 7.37 7.19 28.92
CA GLN C 16 6.75 7.06 27.60
C GLN C 16 5.47 6.23 27.64
N LEU C 17 5.28 5.51 28.75
CA LEU C 17 4.08 4.71 28.97
C LEU C 17 2.91 5.60 29.43
N LEU C 18 3.19 6.87 29.72
CA LEU C 18 2.13 7.81 30.04
C LEU C 18 1.53 8.42 28.78
N ARG C 19 2.16 8.20 27.63
CA ARG C 19 1.75 8.93 26.43
C ARG C 19 0.66 8.17 25.67
N ARG C 20 -0.49 8.80 25.52
CA ARG C 20 -1.59 8.31 24.70
C ARG C 20 -1.98 9.38 23.66
N SER C 21 -2.57 8.93 22.54
CA SER C 21 -3.17 9.86 21.59
C SER C 21 -4.61 10.15 22.06
N VAL C 22 -4.72 11.16 22.92
CA VAL C 22 -5.98 11.55 23.55
C VAL C 22 -6.91 12.28 22.56
N ARG C 23 -8.16 11.85 22.46
CA ARG C 23 -9.14 12.44 21.52
C ARG C 23 -10.13 13.41 22.18
N ARG C 24 -10.38 13.28 23.47
CA ARG C 24 -11.32 14.14 24.18
C ARG C 24 -10.62 14.78 25.38
N PHE C 25 -10.65 16.10 25.46
CA PHE C 25 -10.08 16.84 26.59
C PHE C 25 -11.15 17.48 27.47
N SER C 26 -10.83 17.73 28.72
CA SER C 26 -11.72 18.54 29.58
C SER C 26 -11.60 20.01 29.24
N THR C 27 -12.45 20.81 29.85
CA THR C 27 -12.41 22.25 29.64
C THR C 27 -11.27 22.95 30.43
N ASP C 28 -10.66 22.26 31.39
CA ASP C 28 -9.56 22.85 32.19
C ASP C 28 -8.52 23.61 31.34
N PRO C 29 -8.27 24.91 31.66
CA PRO C 29 -7.20 25.59 30.94
C PRO C 29 -5.81 24.97 31.19
N VAL C 30 -4.94 25.10 30.19
CA VAL C 30 -3.61 24.52 30.25
C VAL C 30 -2.60 25.57 30.69
N PRO C 31 -1.87 25.33 31.80
CA PRO C 31 -0.88 26.33 32.16
C PRO C 31 0.17 26.52 31.05
N GLY C 32 0.27 27.76 30.58
CA GLY C 32 1.18 28.12 29.49
C GLY C 32 2.61 27.76 29.80
N ASP C 33 2.98 27.81 31.07
CA ASP C 33 4.32 27.46 31.47
C ASP C 33 4.62 25.97 31.30
N LEU C 34 3.60 25.13 31.32
CA LEU C 34 3.84 23.70 31.09
C LEU C 34 4.09 23.44 29.59
N VAL C 35 3.40 24.18 28.74
CA VAL C 35 3.64 24.09 27.30
C VAL C 35 5.08 24.52 26.99
N GLU C 36 5.48 25.67 27.52
CA GLU C 36 6.84 26.17 27.36
C GLU C 36 7.89 25.18 27.79
N ALA C 37 7.81 24.74 29.05
CA ALA C 37 8.75 23.77 29.59
C ALA C 37 8.77 22.48 28.75
N ALA C 38 7.60 21.95 28.40
CA ALA C 38 7.57 20.74 27.58
C ALA C 38 8.23 20.94 26.20
N VAL C 39 8.03 22.11 25.59
CA VAL C 39 8.64 22.43 24.28
C VAL C 39 10.17 22.50 24.43
N ALA C 40 10.66 23.13 25.48
CA ALA C 40 12.08 23.09 25.80
C ALA C 40 12.62 21.63 25.88
N GLU C 41 11.97 20.78 26.67
CA GLU C 41 12.34 19.34 26.77
C GLU C 41 12.30 18.63 25.40
N ALA C 42 11.25 18.89 24.62
CA ALA C 42 11.10 18.29 23.29
C ALA C 42 12.36 18.46 22.47
N LEU C 43 12.95 19.63 22.58
CA LEU C 43 14.11 20.00 21.78
C LEU C 43 15.44 19.35 22.23
N THR C 44 15.38 18.44 23.18
CA THR C 44 16.49 17.52 23.42
C THR C 44 16.50 16.43 22.37
N ALA C 45 15.45 16.32 21.55
CA ALA C 45 15.46 15.31 20.48
C ALA C 45 16.66 15.54 19.54
N PRO C 46 17.22 14.47 18.99
CA PRO C 46 18.47 14.64 18.24
C PRO C 46 18.23 15.28 16.88
N ALA C 47 19.25 15.95 16.39
CA ALA C 47 19.19 16.66 15.12
C ALA C 47 20.52 16.52 14.37
N PRO C 48 20.47 16.58 13.04
CA PRO C 48 21.72 16.48 12.25
C PRO C 48 22.58 17.76 12.31
N HIS C 49 23.90 17.60 12.20
CA HIS C 49 24.84 18.72 11.94
C HIS C 49 24.70 19.97 12.79
N HIS C 50 24.64 19.80 14.10
CA HIS C 50 24.43 20.91 15.00
C HIS C 50 23.30 21.86 14.56
N THR C 51 22.34 21.33 13.76
CA THR C 51 21.24 22.13 13.19
C THR C 51 20.06 22.20 14.13
N ARG C 52 19.12 23.09 13.83
CA ARG C 52 17.91 23.27 14.62
C ARG C 52 16.70 23.14 13.67
N PRO C 53 16.40 21.91 13.24
CA PRO C 53 15.39 21.71 12.20
C PRO C 53 13.94 21.93 12.62
N THR C 54 13.66 22.06 13.92
CA THR C 54 12.30 22.06 14.43
C THR C 54 11.91 23.43 15.05
N ARG C 55 10.71 23.90 14.69
CA ARG C 55 9.99 24.95 15.40
C ARG C 55 8.64 24.43 15.81
N PHE C 56 8.11 24.98 16.90
CA PHE C 56 6.77 24.71 17.31
C PHE C 56 6.00 26.04 17.28
N VAL C 57 4.94 26.08 16.46
CA VAL C 57 4.16 27.26 16.27
C VAL C 57 2.87 27.12 17.03
N TRP C 58 2.77 27.84 18.14
CA TRP C 58 1.63 27.82 19.04
C TRP C 58 0.54 28.77 18.56
N LEU C 59 -0.62 28.23 18.23
CA LEU C 59 -1.75 29.04 17.74
C LEU C 59 -2.55 29.58 18.90
N GLN C 60 -2.03 30.65 19.51
CA GLN C 60 -2.62 31.20 20.71
C GLN C 60 -3.84 32.06 20.41
N THR C 61 -3.83 32.75 19.27
CA THR C 61 -4.90 33.70 18.94
C THR C 61 -6.12 32.89 18.45
N PRO C 62 -7.28 33.02 19.12
CA PRO C 62 -8.39 32.15 18.75
C PRO C 62 -8.91 32.36 17.32
N ALA C 63 -8.93 33.59 16.82
CA ALA C 63 -9.38 33.86 15.47
C ALA C 63 -8.40 33.36 14.43
N ILE C 64 -7.10 33.38 14.73
CA ILE C 64 -6.11 32.88 13.78
C ILE C 64 -6.32 31.37 13.62
N ARG C 65 -6.39 30.66 14.74
CA ARG C 65 -6.66 29.22 14.74
C ARG C 65 -7.91 28.86 13.93
N ALA C 66 -9.01 29.54 14.21
CA ALA C 66 -10.29 29.22 13.53
C ALA C 66 -10.20 29.43 12.02
N ARG C 67 -9.62 30.59 11.64
CA ARG C 67 -9.51 30.94 10.22
C ARG C 67 -8.68 29.89 9.45
N LEU C 68 -7.57 29.46 10.05
CA LEU C 68 -6.72 28.49 9.43
C LEU C 68 -7.49 27.18 9.29
N LEU C 69 -8.06 26.71 10.39
CA LEU C 69 -8.72 25.43 10.37
C LEU C 69 -9.85 25.42 9.36
N ASP C 70 -10.57 26.55 9.24
CA ASP C 70 -11.65 26.69 8.25
C ASP C 70 -11.16 26.67 6.82
N ARG C 71 -10.04 27.34 6.51
CA ARG C 71 -9.50 27.28 5.16
C ARG C 71 -9.03 25.85 4.83
N MET C 72 -8.42 25.22 5.83
CA MET C 72 -8.00 23.83 5.70
C MET C 72 -9.22 22.96 5.43
N LYS C 73 -10.31 23.25 6.13
CA LYS C 73 -11.56 22.50 5.94
C LYS C 73 -12.15 22.62 4.53
N ASP C 74 -12.26 23.85 4.03
CA ASP C 74 -12.62 24.12 2.63
C ASP C 74 -11.76 23.34 1.63
N LYS C 75 -10.45 23.33 1.82
CA LYS C 75 -9.60 22.56 0.91
C LYS C 75 -9.95 21.09 0.99
N TRP C 76 -10.14 20.59 2.21
CA TRP C 76 -10.36 19.16 2.45
C TRP C 76 -11.64 18.68 1.74
N ARG C 77 -12.73 19.41 1.93
CA ARG C 77 -14.01 19.12 1.24
C ARG C 77 -13.91 19.20 -0.28
N SER C 78 -13.21 20.23 -0.74
CA SER C 78 -12.95 20.42 -2.16
C SER C 78 -12.14 19.27 -2.83
N ASP C 79 -11.04 18.83 -2.20
CA ASP C 79 -10.27 17.66 -2.62
C ASP C 79 -11.19 16.42 -2.74
N LEU C 80 -11.89 16.13 -1.63
CA LEU C 80 -12.74 14.94 -1.49
C LEU C 80 -13.96 14.95 -2.39
N THR C 81 -14.55 16.12 -2.63
CA THR C 81 -15.61 16.31 -3.60
C THR C 81 -15.14 15.97 -5.00
N SER C 82 -13.96 16.45 -5.36
CA SER C 82 -13.42 16.16 -6.67
C SER C 82 -12.99 14.68 -6.85
N ASP C 83 -12.69 13.97 -5.75
CA ASP C 83 -12.46 12.50 -5.80
C ASP C 83 -13.76 11.70 -6.05
N GLY C 84 -14.90 12.35 -5.84
CA GLY C 84 -16.19 11.75 -6.11
C GLY C 84 -16.83 11.12 -4.90
N LEU C 85 -16.29 11.39 -3.72
CA LEU C 85 -16.84 10.81 -2.50
C LEU C 85 -18.21 11.39 -2.24
N PRO C 86 -19.11 10.58 -1.65
CA PRO C 86 -20.42 11.05 -1.32
C PRO C 86 -20.32 12.03 -0.13
N ALA C 87 -21.22 13.01 -0.11
CA ALA C 87 -21.24 14.05 0.93
C ALA C 87 -21.25 13.46 2.35
N ASP C 88 -21.94 12.35 2.52
CA ASP C 88 -21.99 11.60 3.78
C ASP C 88 -20.59 11.32 4.30
N ALA C 89 -19.76 10.72 3.45
CA ALA C 89 -18.43 10.30 3.85
C ALA C 89 -17.47 11.49 3.94
N ILE C 90 -17.71 12.51 3.12
CA ILE C 90 -16.89 13.70 3.18
C ILE C 90 -17.06 14.25 4.59
N GLU C 91 -18.29 14.39 5.05
CA GLU C 91 -18.50 14.96 6.38
C GLU C 91 -17.95 14.05 7.49
N ARG C 92 -18.12 12.74 7.38
CA ARG C 92 -17.52 11.83 8.34
C ARG C 92 -16.01 12.08 8.47
N ARG C 93 -15.32 12.23 7.34
CA ARG C 93 -13.87 12.35 7.37
C ARG C 93 -13.40 13.69 7.91
N VAL C 94 -14.02 14.79 7.49
CA VAL C 94 -13.60 16.09 7.95
C VAL C 94 -13.94 16.30 9.42
N ALA C 95 -14.89 15.52 9.96
CA ALA C 95 -15.23 15.57 11.41
C ALA C 95 -14.13 14.99 12.27
N ARG C 96 -13.29 14.14 11.71
CA ARG C 96 -12.10 13.72 12.44
C ARG C 96 -11.18 14.88 12.78
N GLY C 97 -11.28 15.98 12.02
CA GLY C 97 -10.48 17.17 12.31
C GLY C 97 -11.04 18.09 13.38
N GLN C 98 -12.22 17.75 13.90
CA GLN C 98 -12.89 18.63 14.86
C GLN C 98 -12.08 18.82 16.15
N ILE C 99 -11.28 17.83 16.50
CA ILE C 99 -10.39 17.92 17.66
C ILE C 99 -9.51 19.18 17.67
N LEU C 100 -9.08 19.64 16.51
CA LEU C 100 -8.23 20.83 16.44
C LEU C 100 -8.99 22.10 16.81
N TYR C 101 -10.29 22.14 16.49
CA TYR C 101 -11.14 23.28 16.88
C TYR C 101 -11.35 23.34 18.38
N ASP C 102 -11.49 22.15 18.98
CA ASP C 102 -11.93 22.05 20.37
C ASP C 102 -10.79 22.02 21.35
N ALA C 103 -9.58 21.60 20.93
CA ALA C 103 -8.56 21.35 21.93
C ALA C 103 -8.26 22.65 22.65
N PRO C 104 -7.92 22.56 23.96
CA PRO C 104 -7.49 23.78 24.66
C PRO C 104 -6.31 24.51 23.95
N GLU C 105 -5.30 23.77 23.51
CA GLU C 105 -4.18 24.39 22.83
C GLU C 105 -3.85 23.57 21.60
N VAL C 106 -3.35 24.24 20.57
CA VAL C 106 -2.86 23.61 19.37
C VAL C 106 -1.50 24.22 18.97
N VAL C 107 -0.56 23.32 18.65
CA VAL C 107 0.82 23.64 18.28
C VAL C 107 1.13 22.92 16.95
N ILE C 108 1.62 23.68 15.95
CA ILE C 108 2.05 23.13 14.66
C ILE C 108 3.56 22.91 14.65
N PRO C 109 3.99 21.65 14.55
CA PRO C 109 5.43 21.41 14.35
C PRO C 109 5.84 21.78 12.92
N MET C 110 6.97 22.46 12.79
CA MET C 110 7.46 22.93 11.51
C MET C 110 8.86 22.42 11.33
N LEU C 111 9.12 21.90 10.13
CA LEU C 111 10.44 21.73 9.58
C LEU C 111 10.98 23.08 9.07
N VAL C 112 12.13 23.47 9.61
CA VAL C 112 12.95 24.59 9.08
C VAL C 112 14.28 24.01 8.57
N PRO C 113 14.55 24.08 7.26
CA PRO C 113 15.71 23.41 6.69
C PRO C 113 16.98 24.19 6.85
N ASP C 114 17.07 24.94 7.96
CA ASP C 114 18.24 25.75 8.30
C ASP C 114 19.44 24.89 8.64
N GLY C 115 20.51 25.10 7.90
CA GLY C 115 21.69 24.25 8.02
C GLY C 115 21.66 23.05 7.08
N ALA C 116 20.58 22.84 6.32
CA ALA C 116 20.55 21.75 5.33
C ALA C 116 21.66 21.91 4.33
N HIS C 117 22.38 20.83 4.06
CA HIS C 117 23.41 20.84 3.04
C HIS C 117 22.79 20.88 1.65
N SER C 118 23.36 21.67 0.74
CA SER C 118 22.86 21.71 -0.64
C SER C 118 23.68 20.75 -1.49
N TYR C 119 23.03 20.10 -2.46
CA TYR C 119 23.70 19.07 -3.27
C TYR C 119 23.44 19.30 -4.75
N PRO C 120 24.36 18.87 -5.63
CA PRO C 120 24.04 19.05 -7.05
C PRO C 120 22.93 18.11 -7.54
N ASP C 121 22.87 16.91 -6.98
CA ASP C 121 21.94 15.88 -7.44
C ASP C 121 20.65 15.86 -6.64
N ALA C 122 19.58 15.48 -7.31
CA ALA C 122 18.26 15.35 -6.69
C ALA C 122 18.21 14.25 -5.62
N ALA C 123 18.89 13.13 -5.84
CA ALA C 123 18.80 12.04 -4.87
C ALA C 123 19.31 12.47 -3.46
N ARG C 124 20.45 13.14 -3.37
CA ARG C 124 20.96 13.58 -2.08
C ARG C 124 20.18 14.81 -1.56
N THR C 125 19.64 15.62 -2.46
CA THR C 125 18.73 16.71 -2.05
C THR C 125 17.52 16.17 -1.30
N ASP C 126 16.85 15.17 -1.86
CA ASP C 126 15.74 14.55 -1.15
C ASP C 126 16.21 13.87 0.12
N ALA C 127 17.35 13.18 0.07
CA ALA C 127 17.87 12.51 1.25
C ALA C 127 18.06 13.50 2.42
N GLU C 128 18.65 14.64 2.13
CA GLU C 128 18.86 15.66 3.17
C GLU C 128 17.51 16.09 3.75
N HIS C 129 16.56 16.37 2.88
CA HIS C 129 15.19 16.70 3.29
C HIS C 129 14.51 15.63 4.15
N THR C 130 14.60 14.38 3.71
CA THR C 130 14.10 13.25 4.48
C THR C 130 14.74 13.22 5.86
N MET C 131 16.03 13.46 5.92
CA MET C 131 16.72 13.42 7.19
C MET C 131 16.20 14.48 8.17
N PHE C 132 15.90 15.68 7.66
CA PHE C 132 15.34 16.76 8.47
C PHE C 132 13.94 16.41 8.91
N THR C 133 13.18 15.80 8.00
CA THR C 133 11.82 15.39 8.31
C THR C 133 11.77 14.40 9.49
N VAL C 134 12.68 13.42 9.49
CA VAL C 134 12.72 12.40 10.53
C VAL C 134 13.03 13.04 11.86
N ALA C 135 13.98 13.96 11.87
CA ALA C 135 14.35 14.70 13.08
C ALA C 135 13.17 15.48 13.67
N VAL C 136 12.37 16.13 12.83
CA VAL C 136 11.21 16.85 13.38
C VAL C 136 10.25 15.83 14.01
N GLY C 137 10.12 14.68 13.38
CA GLY C 137 9.28 13.63 13.97
C GLY C 137 9.76 13.18 15.36
N ALA C 138 11.08 13.07 15.53
CA ALA C 138 11.62 12.80 16.86
C ALA C 138 11.21 13.87 17.88
N ALA C 139 11.28 15.13 17.47
CA ALA C 139 10.93 16.20 18.39
C ALA C 139 9.42 16.21 18.67
N VAL C 140 8.63 15.76 17.70
CA VAL C 140 7.19 15.62 17.95
C VAL C 140 6.99 14.64 19.11
N GLN C 141 7.54 13.42 18.97
CA GLN C 141 7.47 12.43 20.05
C GLN C 141 7.95 12.98 21.40
N ALA C 142 9.11 13.60 21.40
CA ALA C 142 9.65 14.19 22.60
C ALA C 142 8.68 15.19 23.27
N LEU C 143 7.98 15.98 22.46
CA LEU C 143 6.98 16.92 22.98
C LEU C 143 5.78 16.22 23.64
N LEU C 144 5.25 15.21 22.94
CA LEU C 144 4.10 14.43 23.45
C LEU C 144 4.45 13.83 24.79
N VAL C 145 5.69 13.33 24.90
CA VAL C 145 6.18 12.78 26.15
C VAL C 145 6.43 13.86 27.24
N ALA C 146 7.09 14.96 26.88
CA ALA C 146 7.29 16.05 27.81
C ALA C 146 5.95 16.56 28.34
N LEU C 147 4.92 16.62 27.48
CA LEU C 147 3.59 17.07 27.89
C LEU C 147 2.89 16.10 28.82
N ALA C 148 2.84 14.83 28.41
CA ALA C 148 2.25 13.75 29.22
C ALA C 148 2.84 13.66 30.62
N VAL C 149 4.14 13.92 30.72
CA VAL C 149 4.91 13.78 31.94
C VAL C 149 4.62 14.94 32.92
N ARG C 150 4.08 16.04 32.41
CA ARG C 150 3.52 17.11 33.24
C ARG C 150 1.98 17.04 33.30
N GLY C 151 1.43 15.84 33.07
CA GLY C 151 0.00 15.56 33.26
C GLY C 151 -0.91 15.99 32.13
N LEU C 152 -0.34 16.30 30.97
CA LEU C 152 -1.13 16.88 29.85
C LEU C 152 -1.31 15.90 28.71
N GLY C 153 -2.55 15.72 28.30
CA GLY C 153 -2.85 14.90 27.13
C GLY C 153 -2.41 15.58 25.86
N SER C 154 -2.25 14.80 24.79
CA SER C 154 -1.96 15.36 23.47
C SER C 154 -2.35 14.41 22.34
N CYS C 155 -2.45 14.95 21.13
CA CYS C 155 -2.73 14.15 19.95
C CYS C 155 -2.04 14.80 18.78
N TRP C 156 -1.20 14.04 18.08
CA TRP C 156 -0.57 14.51 16.87
C TRP C 156 -1.37 14.02 15.68
N ILE C 157 -1.82 14.92 14.81
CA ILE C 157 -2.41 14.47 13.56
C ILE C 157 -1.76 15.10 12.32
N GLY C 158 -1.87 14.35 11.23
CA GLY C 158 -1.21 14.67 10.00
C GLY C 158 -1.66 15.96 9.39
N SER C 159 -2.96 16.21 9.43
CA SER C 159 -3.54 17.51 9.17
C SER C 159 -2.79 18.46 8.18
N THR C 160 -2.01 19.37 8.71
CA THR C 160 -1.40 20.46 7.92
C THR C 160 -0.40 20.05 6.81
N ILE C 161 0.11 18.83 6.88
CA ILE C 161 1.02 18.31 5.86
C ILE C 161 0.30 18.34 4.52
N PHE C 162 -1.02 18.12 4.55
CA PHE C 162 -1.87 18.14 3.37
C PHE C 162 -2.36 19.54 2.93
N ALA C 163 -1.88 20.60 3.58
CA ALA C 163 -2.36 21.94 3.32
C ALA C 163 -1.25 22.94 3.57
N ALA C 164 -0.05 22.60 3.14
CA ALA C 164 1.13 23.35 3.53
C ALA C 164 1.12 24.80 3.04
N ASP C 165 0.68 25.04 1.82
CA ASP C 165 0.56 26.41 1.32
C ASP C 165 -0.41 27.29 2.13
N LEU C 166 -1.55 26.72 2.50
CA LEU C 166 -2.51 27.45 3.28
C LEU C 166 -1.87 27.87 4.56
N VAL C 167 -1.13 26.96 5.15
CA VAL C 167 -0.56 27.20 6.46
C VAL C 167 0.47 28.32 6.35
N ARG C 168 1.32 28.28 5.33
CA ARG C 168 2.33 29.34 5.15
C ARG C 168 1.68 30.68 4.85
N ASP C 169 0.57 30.69 4.13
CA ASP C 169 -0.06 31.94 3.74
C ASP C 169 -0.73 32.54 4.98
N GLU C 170 -1.47 31.72 5.70
CA GLU C 170 -2.26 32.19 6.82
C GLU C 170 -1.38 32.69 7.95
N LEU C 171 -0.28 31.99 8.19
CA LEU C 171 0.65 32.34 9.27
C LEU C 171 1.86 33.16 8.83
N ASP C 172 1.93 33.55 7.57
CA ASP C 172 3.01 34.42 7.09
C ASP C 172 4.37 33.83 7.30
N LEU C 173 4.52 32.60 6.83
CA LEU C 173 5.76 31.88 7.06
C LEU C 173 6.63 31.88 5.81
N PRO C 174 7.95 31.72 5.97
CA PRO C 174 8.83 31.59 4.80
C PRO C 174 8.47 30.38 3.97
N VAL C 175 8.69 30.48 2.67
CA VAL C 175 8.33 29.38 1.79
C VAL C 175 8.93 28.02 2.20
N ASP C 176 10.15 27.99 2.73
CA ASP C 176 10.77 26.71 3.07
C ASP C 176 10.43 26.15 4.48
N TRP C 177 9.57 26.82 5.22
CA TRP C 177 9.08 26.21 6.43
C TRP C 177 8.00 25.19 6.03
N GLU C 178 8.00 24.01 6.63
CA GLU C 178 7.05 22.97 6.27
C GLU C 178 6.29 22.46 7.48
N PRO C 179 4.96 22.64 7.47
CA PRO C 179 4.19 22.13 8.59
C PRO C 179 4.13 20.61 8.55
N LEU C 180 4.25 19.99 9.72
CA LEU C 180 4.31 18.54 9.81
C LEU C 180 3.23 18.09 10.76
N GLY C 181 2.06 18.67 10.59
CA GLY C 181 0.89 18.24 11.29
C GLY C 181 0.39 19.25 12.29
N ALA C 182 -0.23 18.75 13.34
CA ALA C 182 -0.71 19.59 14.44
C ALA C 182 -0.88 18.75 15.68
N ILE C 183 -0.66 19.38 16.80
CA ILE C 183 -0.65 18.72 18.08
C ILE C 183 -1.63 19.41 19.00
N ALA C 184 -2.75 18.73 19.24
CA ALA C 184 -3.76 19.19 20.19
C ALA C 184 -3.29 18.87 21.59
N ILE C 185 -3.56 19.76 22.53
CA ILE C 185 -3.02 19.69 23.87
C ILE C 185 -4.11 20.05 24.89
N GLY C 186 -4.21 19.26 25.95
CA GLY C 186 -5.23 19.44 26.96
C GLY C 186 -5.13 18.40 28.04
N TYR C 187 -5.87 18.61 29.13
CA TYR C 187 -6.02 17.58 30.15
C TYR C 187 -7.04 16.56 29.63
N ALA C 188 -6.68 15.28 29.66
CA ALA C 188 -7.54 14.21 29.16
C ALA C 188 -8.87 14.23 29.89
N ASP C 189 -9.96 14.03 29.16
CA ASP C 189 -11.29 14.02 29.76
C ASP C 189 -11.48 12.79 30.67
N GLU C 190 -10.87 11.67 30.32
CA GLU C 190 -10.83 10.52 31.20
C GLU C 190 -9.39 9.97 31.24
N PRO C 191 -8.81 9.81 32.43
CA PRO C 191 -7.38 9.48 32.54
C PRO C 191 -7.05 8.06 32.00
N SER C 192 -5.93 7.94 31.29
CA SER C 192 -5.54 6.68 30.66
C SER C 192 -5.06 5.67 31.69
N GLY C 193 -4.06 6.04 32.47
CA GLY C 193 -3.31 5.06 33.25
C GLY C 193 -2.24 4.47 32.34
N LEU C 194 -1.29 3.75 32.90
CA LEU C 194 -0.10 3.29 32.16
C LEU C 194 -0.40 2.27 31.07
N ARG C 195 0.19 2.48 29.90
CA ARG C 195 0.06 1.51 28.84
C ARG C 195 1.14 0.42 29.02
N ASP C 196 0.88 -0.75 28.43
CA ASP C 196 1.75 -1.91 28.61
C ASP C 196 2.17 -2.43 27.23
N PRO C 197 3.34 -1.98 26.72
CA PRO C 197 3.71 -2.28 25.32
C PRO C 197 3.78 -3.77 24.95
N VAL C 198 3.01 -4.13 23.92
CA VAL C 198 2.94 -5.48 23.41
C VAL C 198 4.29 -5.78 22.74
N PRO C 199 4.72 -7.06 22.71
CA PRO C 199 5.99 -7.37 22.01
C PRO C 199 5.97 -6.92 20.54
N ALA C 200 7.15 -6.63 20.00
CA ALA C 200 7.30 -6.04 18.67
C ALA C 200 6.78 -6.96 17.57
N ALA C 201 6.99 -8.27 17.75
CA ALA C 201 6.49 -9.28 16.82
C ALA C 201 7.03 -9.01 15.40
N ASP C 202 6.17 -8.98 14.41
CA ASP C 202 6.61 -8.76 13.03
C ASP C 202 7.08 -7.35 12.68
N LEU C 203 7.08 -6.43 13.64
CA LEU C 203 7.58 -5.07 13.41
C LEU C 203 9.06 -5.00 13.67
N LEU C 204 9.62 -6.02 14.30
CA LEU C 204 11.06 -6.12 14.47
C LEU C 204 11.61 -7.22 13.56
N ILE C 205 12.41 -6.83 12.56
CA ILE C 205 12.97 -7.73 11.56
C ILE C 205 14.44 -8.08 11.91
N LEU C 206 14.77 -9.37 12.02
CA LEU C 206 16.14 -9.81 12.37
C LEU C 206 16.91 -10.21 11.13
N LYS C 207 18.07 -9.62 10.90
CA LYS C 207 18.86 -9.96 9.71
C LYS C 207 20.21 -10.62 10.06
N GLU D 9 7.07 11.27 39.92
CA GLU D 9 7.00 12.51 39.11
C GLU D 9 8.39 12.89 38.61
N LEU D 10 9.36 12.93 39.53
CA LEU D 10 10.75 13.29 39.21
C LEU D 10 11.34 12.36 38.15
N GLY D 11 11.48 11.07 38.45
CA GLY D 11 12.09 10.11 37.53
C GLY D 11 11.49 10.12 36.12
N ARG D 12 10.17 10.32 36.06
CA ARG D 12 9.42 10.48 34.82
C ARG D 12 9.80 11.78 34.10
N GLN D 13 9.94 12.87 34.86
CA GLN D 13 10.35 14.17 34.28
C GLN D 13 11.82 14.14 33.84
N GLN D 14 12.57 13.14 34.30
CA GLN D 14 13.97 12.95 33.94
C GLN D 14 14.21 12.08 32.68
N ALA D 15 13.22 11.29 32.28
CA ALA D 15 13.45 10.21 31.30
C ALA D 15 14.15 10.67 30.03
N GLN D 16 13.62 11.72 29.41
CA GLN D 16 14.12 12.17 28.11
C GLN D 16 15.46 12.90 28.23
N LEU D 17 15.73 13.43 29.43
CA LEU D 17 17.01 14.07 29.72
C LEU D 17 18.16 13.07 29.94
N LEU D 18 17.83 11.79 30.12
CA LEU D 18 18.82 10.72 30.16
C LEU D 18 19.36 10.42 28.74
N ARG D 19 18.64 10.84 27.70
CA ARG D 19 19.03 10.54 26.32
C ARG D 19 20.16 11.45 25.84
N ARG D 20 21.20 10.81 25.31
CA ARG D 20 22.37 11.50 24.76
C ARG D 20 22.74 10.79 23.46
N SER D 21 23.17 11.56 22.46
CA SER D 21 23.78 10.94 21.28
C SER D 21 25.20 10.46 21.68
N VAL D 22 25.31 9.19 22.04
CA VAL D 22 26.57 8.61 22.52
C VAL D 22 27.45 8.23 21.35
N ARG D 23 28.69 8.75 21.32
CA ARG D 23 29.61 8.51 20.22
C ARG D 23 30.73 7.49 20.57
N ARG D 24 30.79 7.02 21.81
CA ARG D 24 31.83 6.06 22.22
C ARG D 24 31.21 5.07 23.19
N PHE D 25 31.22 3.79 22.82
CA PHE D 25 30.61 2.74 23.63
C PHE D 25 31.64 1.83 24.23
N SER D 26 31.30 1.28 25.40
CA SER D 26 32.09 0.19 25.97
C SER D 26 31.90 -1.09 25.15
N THR D 27 32.66 -2.10 25.53
CA THR D 27 32.68 -3.38 24.81
C THR D 27 31.68 -4.37 25.41
N ASP D 28 31.25 -4.16 26.66
CA ASP D 28 30.25 -4.99 27.33
C ASP D 28 29.12 -5.39 26.36
N PRO D 29 28.67 -6.67 26.41
CA PRO D 29 27.63 -7.01 25.46
C PRO D 29 26.28 -6.40 25.85
N VAL D 30 25.40 -6.24 24.87
CA VAL D 30 24.12 -5.68 25.16
C VAL D 30 23.16 -6.83 25.26
N PRO D 31 22.49 -6.96 26.41
CA PRO D 31 21.49 -8.01 26.49
C PRO D 31 20.39 -7.79 25.47
N GLY D 32 20.09 -8.81 24.67
CA GLY D 32 19.11 -8.74 23.60
C GLY D 32 17.70 -8.46 24.08
N ASP D 33 17.34 -9.03 25.22
CA ASP D 33 16.04 -8.84 25.84
C ASP D 33 15.74 -7.36 26.04
N LEU D 34 16.77 -6.58 26.37
CA LEU D 34 16.63 -5.14 26.56
C LEU D 34 16.38 -4.43 25.24
N VAL D 35 17.06 -4.89 24.20
CA VAL D 35 16.82 -4.38 22.84
C VAL D 35 15.38 -4.64 22.40
N GLU D 36 14.90 -5.86 22.65
CA GLU D 36 13.55 -6.23 22.30
C GLU D 36 12.51 -5.42 23.06
N ALA D 37 12.70 -5.30 24.37
CA ALA D 37 11.74 -4.55 25.19
C ALA D 37 11.73 -3.09 24.77
N ALA D 38 12.91 -2.52 24.53
CA ALA D 38 13.06 -1.14 23.99
C ALA D 38 12.33 -0.90 22.69
N VAL D 39 12.42 -1.84 21.76
CA VAL D 39 11.78 -1.70 20.45
C VAL D 39 10.27 -1.71 20.62
N ALA D 40 9.79 -2.52 21.57
CA ALA D 40 8.35 -2.59 21.88
C ALA D 40 7.83 -1.29 22.45
N GLU D 41 8.65 -0.66 23.29
CA GLU D 41 8.29 0.64 23.84
C GLU D 41 8.37 1.69 22.73
N ALA D 42 9.44 1.68 21.95
CA ALA D 42 9.55 2.58 20.78
C ALA D 42 8.29 2.60 19.90
N LEU D 43 7.66 1.43 19.74
CA LEU D 43 6.47 1.29 18.93
C LEU D 43 5.19 1.76 19.60
N THR D 44 5.27 2.28 20.82
CA THR D 44 4.15 3.06 21.37
C THR D 44 4.06 4.47 20.82
N ALA D 45 5.06 4.92 20.09
CA ALA D 45 4.97 6.21 19.40
C ALA D 45 3.73 6.27 18.49
N PRO D 46 3.17 7.46 18.29
CA PRO D 46 1.94 7.54 17.54
C PRO D 46 2.16 7.35 16.03
N ALA D 47 1.07 7.01 15.38
CA ALA D 47 1.05 6.70 13.97
C ALA D 47 -0.32 7.05 13.41
N PRO D 48 -0.39 7.40 12.15
CA PRO D 48 -1.70 7.72 11.63
C PRO D 48 -2.64 6.52 11.77
N HIS D 49 -3.92 6.81 11.91
CA HIS D 49 -4.94 5.83 12.11
C HIS D 49 -4.84 4.69 11.08
N HIS D 50 -4.84 3.46 11.55
CA HIS D 50 -4.78 2.24 10.74
C HIS D 50 -3.54 2.13 9.90
N THR D 51 -2.41 2.62 10.40
CA THR D 51 -1.15 2.45 9.67
C THR D 51 -0.11 1.88 10.57
N ARG D 52 0.93 1.32 9.96
CA ARG D 52 2.07 0.81 10.70
C ARG D 52 3.31 1.23 9.88
N PRO D 53 3.65 2.55 9.93
CA PRO D 53 4.73 3.12 9.13
C PRO D 53 6.10 2.58 9.40
N THR D 54 6.33 2.11 10.62
CA THR D 54 7.67 1.78 11.07
C THR D 54 7.98 0.30 11.12
N ARG D 55 9.21 0.00 10.69
CA ARG D 55 9.88 -1.29 10.92
C ARG D 55 11.27 -1.04 11.44
N PHE D 56 11.71 -1.89 12.35
CA PHE D 56 13.06 -1.84 12.89
C PHE D 56 13.82 -3.06 12.43
N VAL D 57 14.90 -2.85 11.68
CA VAL D 57 15.68 -3.94 11.19
C VAL D 57 16.98 -4.03 11.95
N TRP D 58 17.08 -5.07 12.79
CA TRP D 58 18.20 -5.29 13.68
C TRP D 58 19.26 -6.13 12.95
N LEU D 59 20.45 -5.57 12.79
CA LEU D 59 21.51 -6.23 12.03
C LEU D 59 22.31 -7.13 12.90
N GLN D 60 21.77 -8.32 13.18
CA GLN D 60 22.44 -9.23 14.11
C GLN D 60 23.62 -9.99 13.51
N THR D 61 23.58 -10.29 12.22
CA THR D 61 24.65 -11.08 11.60
C THR D 61 25.85 -10.16 11.29
N PRO D 62 27.00 -10.36 12.00
CA PRO D 62 28.10 -9.39 11.84
C PRO D 62 28.57 -9.22 10.40
N ALA D 63 28.58 -10.30 9.63
CA ALA D 63 29.00 -10.27 8.22
C ALA D 63 28.11 -9.37 7.39
N ILE D 64 26.81 -9.47 7.59
CA ILE D 64 25.86 -8.63 6.90
C ILE D 64 26.04 -7.15 7.27
N ARG D 65 26.15 -6.87 8.56
CA ARG D 65 26.40 -5.50 9.00
C ARG D 65 27.63 -4.94 8.31
N ALA D 66 28.71 -5.71 8.31
CA ALA D 66 30.00 -5.20 7.84
C ALA D 66 29.98 -4.91 6.33
N ARG D 67 29.34 -5.82 5.60
CA ARG D 67 29.25 -5.74 4.17
C ARG D 67 28.41 -4.53 3.77
N LEU D 68 27.32 -4.32 4.49
CA LEU D 68 26.45 -3.17 4.22
C LEU D 68 27.27 -1.88 4.44
N LEU D 69 27.93 -1.80 5.59
CA LEU D 69 28.73 -0.59 5.93
C LEU D 69 29.84 -0.35 4.92
N ASP D 70 30.52 -1.42 4.50
CA ASP D 70 31.55 -1.30 3.47
C ASP D 70 31.00 -0.78 2.13
N ARG D 71 29.87 -1.28 1.70
CA ARG D 71 29.33 -0.80 0.44
C ARG D 71 28.90 0.67 0.59
N MET D 72 28.33 1.01 1.73
CA MET D 72 27.96 2.37 2.02
C MET D 72 29.16 3.30 2.02
N LYS D 73 30.24 2.89 2.66
CA LYS D 73 31.42 3.75 2.76
C LYS D 73 31.99 4.01 1.35
N ASP D 74 31.95 3.00 0.50
CA ASP D 74 32.50 3.11 -0.85
C ASP D 74 31.72 4.12 -1.69
N LYS D 75 30.38 4.05 -1.60
CA LYS D 75 29.54 5.03 -2.22
C LYS D 75 29.78 6.44 -1.65
N TRP D 76 29.88 6.52 -0.34
CA TRP D 76 30.15 7.79 0.31
C TRP D 76 31.43 8.43 -0.27
N ARG D 77 32.52 7.64 -0.35
CA ARG D 77 33.79 8.14 -0.88
C ARG D 77 33.73 8.53 -2.35
N SER D 78 32.95 7.79 -3.12
CA SER D 78 32.73 8.10 -4.55
C SER D 78 31.93 9.39 -4.72
N ASP D 79 30.86 9.54 -3.94
CA ASP D 79 30.05 10.75 -3.97
C ASP D 79 30.94 11.97 -3.63
N LEU D 80 31.67 11.89 -2.52
CA LEU D 80 32.52 13.02 -2.12
C LEU D 80 33.68 13.28 -3.07
N THR D 81 34.19 12.23 -3.75
CA THR D 81 35.28 12.40 -4.69
C THR D 81 34.75 13.14 -5.90
N SER D 82 33.60 12.69 -6.35
CA SER D 82 32.88 13.37 -7.40
C SER D 82 32.53 14.83 -7.06
N ASP D 83 32.17 15.10 -5.80
CA ASP D 83 31.99 16.46 -5.29
C ASP D 83 33.28 17.30 -5.30
N GLY D 84 34.44 16.67 -5.35
CA GLY D 84 35.68 17.40 -5.37
C GLY D 84 36.28 17.74 -4.03
N LEU D 85 35.78 17.14 -2.95
CA LEU D 85 36.50 17.22 -1.66
C LEU D 85 37.88 16.56 -1.78
N PRO D 86 38.95 17.23 -1.27
CA PRO D 86 40.26 16.58 -1.12
C PRO D 86 40.22 15.36 -0.21
N ALA D 87 41.11 14.41 -0.47
CA ALA D 87 41.16 13.12 0.26
C ALA D 87 41.13 13.26 1.79
N ASP D 88 41.94 14.15 2.35
CA ASP D 88 41.98 14.32 3.81
C ASP D 88 40.58 14.74 4.27
N ALA D 89 39.94 15.65 3.55
CA ALA D 89 38.58 16.04 3.91
C ALA D 89 37.58 14.89 3.74
N ILE D 90 37.76 14.05 2.73
CA ILE D 90 36.86 12.88 2.59
C ILE D 90 36.99 11.95 3.81
N GLU D 91 38.22 11.68 4.26
CA GLU D 91 38.41 10.80 5.40
C GLU D 91 37.90 11.36 6.73
N ARG D 92 38.01 12.67 6.92
CA ARG D 92 37.43 13.31 8.11
C ARG D 92 35.92 13.05 8.17
N ARG D 93 35.25 13.06 7.02
CA ARG D 93 33.80 12.84 7.02
C ARG D 93 33.43 11.39 7.25
N VAL D 94 34.12 10.50 6.54
CA VAL D 94 33.86 9.07 6.61
C VAL D 94 34.09 8.54 8.02
N ALA D 95 35.16 9.01 8.66
CA ALA D 95 35.50 8.58 10.02
C ALA D 95 34.35 8.73 11.00
N ARG D 96 33.46 9.68 10.74
CA ARG D 96 32.22 9.82 11.50
C ARG D 96 31.28 8.61 11.47
N GLY D 97 31.38 7.79 10.42
CA GLY D 97 30.56 6.60 10.30
C GLY D 97 31.14 5.41 11.05
N GLN D 98 32.35 5.54 11.56
CA GLN D 98 33.04 4.43 12.18
C GLN D 98 32.30 3.86 13.37
N ILE D 99 31.50 4.68 14.03
CA ILE D 99 30.70 4.25 15.15
C ILE D 99 29.80 3.05 14.79
N LEU D 100 29.30 3.00 13.56
CA LEU D 100 28.44 1.90 13.17
C LEU D 100 29.22 0.58 13.06
N TYR D 101 30.52 0.62 12.73
CA TYR D 101 31.30 -0.61 12.72
C TYR D 101 31.50 -1.09 14.14
N ASP D 102 31.79 -0.14 15.04
CA ASP D 102 32.22 -0.40 16.41
C ASP D 102 31.11 -0.63 17.43
N ALA D 103 29.89 -0.17 17.15
CA ALA D 103 28.81 -0.28 18.13
C ALA D 103 28.42 -1.75 18.39
N PRO D 104 28.12 -2.09 19.67
CA PRO D 104 27.70 -3.46 19.95
C PRO D 104 26.48 -3.92 19.19
N GLU D 105 25.49 -3.06 19.02
CA GLU D 105 24.34 -3.33 18.14
C GLU D 105 23.95 -2.15 17.24
N VAL D 106 23.38 -2.49 16.09
CA VAL D 106 22.92 -1.53 15.10
C VAL D 106 21.54 -1.96 14.62
N VAL D 107 20.60 -1.03 14.69
CA VAL D 107 19.21 -1.21 14.27
C VAL D 107 18.95 -0.12 13.20
N ILE D 108 18.36 -0.54 12.06
CA ILE D 108 18.01 0.35 10.97
C ILE D 108 16.49 0.61 11.02
N PRO D 109 16.07 1.85 11.31
CA PRO D 109 14.64 2.17 11.25
C PRO D 109 14.18 2.31 9.82
N MET D 110 12.99 1.80 9.52
CA MET D 110 12.50 1.85 8.17
C MET D 110 11.04 2.25 8.08
N LEU D 111 10.76 3.00 7.01
CA LEU D 111 9.44 3.34 6.61
C LEU D 111 8.92 2.28 5.64
N VAL D 112 7.67 1.89 5.83
CA VAL D 112 7.00 1.00 4.90
C VAL D 112 5.56 1.50 4.74
N PRO D 113 4.97 1.36 3.54
CA PRO D 113 3.68 2.02 3.33
C PRO D 113 2.49 1.23 3.87
N ASP D 114 2.65 0.61 5.02
CA ASP D 114 1.63 -0.26 5.60
C ASP D 114 0.41 0.57 6.09
N GLY D 115 -0.73 0.45 5.40
CA GLY D 115 -1.94 1.23 5.70
C GLY D 115 -2.06 2.54 4.92
N ALA D 116 -1.11 2.82 4.02
CA ALA D 116 -1.11 4.06 3.24
C ALA D 116 -2.31 4.15 2.30
N HIS D 117 -2.87 5.34 2.17
CA HIS D 117 -3.88 5.61 1.19
C HIS D 117 -3.23 5.77 -0.19
N SER D 118 -3.99 5.44 -1.23
CA SER D 118 -3.55 5.54 -2.62
C SER D 118 -4.23 6.70 -3.30
N TYR D 119 -3.49 7.78 -3.55
CA TYR D 119 -4.04 8.98 -4.21
C TYR D 119 -3.55 9.02 -5.65
N PRO D 120 -4.35 9.54 -6.57
CA PRO D 120 -3.88 9.66 -7.95
C PRO D 120 -2.88 10.77 -8.18
N ASP D 121 -2.76 11.69 -7.25
CA ASP D 121 -2.01 12.94 -7.50
C ASP D 121 -0.74 12.94 -6.69
N ALA D 122 0.30 13.58 -7.23
CA ALA D 122 1.58 13.68 -6.57
C ALA D 122 1.52 14.43 -5.22
N ALA D 123 0.77 15.52 -5.14
CA ALA D 123 0.72 16.30 -3.91
C ALA D 123 0.31 15.50 -2.69
N ARG D 124 -0.81 14.79 -2.79
CA ARG D 124 -1.29 14.03 -1.66
C ARG D 124 -0.43 12.80 -1.44
N THR D 125 0.20 12.29 -2.48
CA THR D 125 1.10 11.15 -2.35
C THR D 125 2.37 11.59 -1.56
N ASP D 126 2.93 12.76 -1.89
CA ASP D 126 4.13 13.25 -1.17
C ASP D 126 3.74 13.54 0.28
N ALA D 127 2.51 14.02 0.49
CA ALA D 127 2.04 14.36 1.82
C ALA D 127 1.87 13.11 2.68
N GLU D 128 1.26 12.08 2.14
CA GLU D 128 1.12 10.85 2.88
C GLU D 128 2.53 10.30 3.23
N HIS D 129 3.43 10.31 2.26
CA HIS D 129 4.84 9.91 2.47
C HIS D 129 5.51 10.73 3.56
N THR D 130 5.28 12.03 3.53
CA THR D 130 5.83 12.91 4.57
C THR D 130 5.28 12.52 5.90
N MET D 131 3.98 12.25 5.94
CA MET D 131 3.28 11.90 7.19
C MET D 131 3.89 10.64 7.81
N PHE D 132 4.11 9.62 6.99
CA PHE D 132 4.70 8.38 7.47
C PHE D 132 6.14 8.57 7.98
N THR D 133 6.88 9.43 7.33
CA THR D 133 8.26 9.73 7.72
C THR D 133 8.31 10.37 9.10
N VAL D 134 7.40 11.30 9.36
CA VAL D 134 7.30 11.90 10.68
C VAL D 134 7.02 10.84 11.72
N ALA D 135 6.02 9.97 11.48
CA ALA D 135 5.72 8.86 12.39
C ALA D 135 6.97 8.00 12.69
N VAL D 136 7.79 7.73 11.69
CA VAL D 136 8.97 6.88 11.92
C VAL D 136 9.99 7.64 12.79
N GLY D 137 10.13 8.94 12.54
CA GLY D 137 10.92 9.80 13.38
C GLY D 137 10.48 9.75 14.84
N ALA D 138 9.18 9.75 15.09
CA ALA D 138 8.65 9.60 16.44
C ALA D 138 9.05 8.27 17.10
N ALA D 139 9.00 7.17 16.35
CA ALA D 139 9.40 5.87 16.86
C ALA D 139 10.90 5.84 17.16
N VAL D 140 11.70 6.50 16.32
CA VAL D 140 13.15 6.58 16.55
C VAL D 140 13.45 7.23 17.90
N GLN D 141 12.87 8.40 18.17
CA GLN D 141 13.04 9.06 19.46
C GLN D 141 12.62 8.11 20.59
N ALA D 142 11.48 7.45 20.42
CA ALA D 142 10.98 6.59 21.47
C ALA D 142 11.92 5.41 21.70
N LEU D 143 12.57 4.86 20.65
CA LEU D 143 13.57 3.81 20.82
C LEU D 143 14.80 4.33 21.57
N LEU D 144 15.21 5.55 21.26
CA LEU D 144 16.39 6.13 21.92
C LEU D 144 16.17 6.32 23.42
N VAL D 145 14.98 6.81 23.77
CA VAL D 145 14.62 7.04 25.17
C VAL D 145 14.30 5.74 25.90
N ALA D 146 13.59 4.82 25.23
CA ALA D 146 13.37 3.49 25.78
C ALA D 146 14.70 2.80 26.06
N LEU D 147 15.67 2.99 25.17
CA LEU D 147 17.02 2.49 25.44
C LEU D 147 17.67 3.24 26.65
N ALA D 148 17.60 4.57 26.64
CA ALA D 148 18.16 5.38 27.74
C ALA D 148 17.66 4.96 29.12
N VAL D 149 16.35 4.78 29.30
CA VAL D 149 15.83 4.43 30.64
C VAL D 149 16.23 3.02 31.08
N ARG D 150 16.67 2.19 30.13
CA ARG D 150 17.26 0.90 30.44
C ARG D 150 18.79 0.98 30.50
N GLY D 151 19.35 2.18 30.67
CA GLY D 151 20.79 2.34 30.88
C GLY D 151 21.61 2.05 29.65
N LEU D 152 21.03 2.19 28.47
CA LEU D 152 21.75 1.99 27.24
C LEU D 152 21.88 3.28 26.41
N GLY D 153 23.11 3.59 26.03
CA GLY D 153 23.35 4.68 25.08
C GLY D 153 22.91 4.31 23.68
N SER D 154 22.68 5.33 22.86
CA SER D 154 22.35 5.15 21.48
C SER D 154 22.82 6.36 20.70
N CYS D 155 22.89 6.19 19.40
CA CYS D 155 23.20 7.30 18.52
C CYS D 155 22.51 7.04 17.21
N TRP D 156 21.59 7.94 16.87
CA TRP D 156 20.95 7.97 15.55
C TRP D 156 21.80 8.80 14.57
N ILE D 157 22.10 8.21 13.42
CA ILE D 157 22.89 8.84 12.39
C ILE D 157 22.17 8.67 11.04
N GLY D 158 22.21 9.73 10.23
CA GLY D 158 21.48 9.78 8.97
C GLY D 158 21.88 8.75 7.93
N SER D 159 23.16 8.41 7.92
CA SER D 159 23.76 7.36 7.07
C SER D 159 22.92 6.72 5.91
N THR D 160 22.10 5.73 6.26
CA THR D 160 21.38 4.89 5.29
C THR D 160 20.44 5.65 4.35
N ILE D 161 19.94 6.77 4.82
CA ILE D 161 19.11 7.68 3.99
C ILE D 161 19.78 8.06 2.68
N PHE D 162 21.13 8.15 2.68
CA PHE D 162 21.93 8.55 1.53
C PHE D 162 22.41 7.38 0.69
N ALA D 163 22.03 6.17 1.06
CA ALA D 163 22.43 4.95 0.35
C ALA D 163 21.27 3.96 0.32
N ALA D 164 20.08 4.47 0.01
CA ALA D 164 18.85 3.69 0.16
C ALA D 164 18.82 2.45 -0.72
N ASP D 165 19.23 2.59 -1.97
CA ASP D 165 19.24 1.45 -2.91
C ASP D 165 20.19 0.35 -2.48
N LEU D 166 21.38 0.73 -1.99
CA LEU D 166 22.37 -0.22 -1.48
C LEU D 166 21.81 -0.99 -0.30
N VAL D 167 21.10 -0.27 0.59
CA VAL D 167 20.56 -0.90 1.81
C VAL D 167 19.51 -1.95 1.44
N ARG D 168 18.60 -1.61 0.53
CA ARG D 168 17.60 -2.56 0.08
C ARG D 168 18.24 -3.74 -0.69
N ASP D 169 19.28 -3.49 -1.46
CA ASP D 169 19.93 -4.52 -2.24
C ASP D 169 20.62 -5.49 -1.30
N GLU D 170 21.37 -4.94 -0.35
CA GLU D 170 22.10 -5.76 0.58
C GLU D 170 21.21 -6.58 1.51
N LEU D 171 20.09 -6.03 1.97
CA LEU D 171 19.22 -6.71 2.96
C LEU D 171 18.06 -7.46 2.31
N ASP D 172 18.06 -7.46 0.98
CA ASP D 172 17.05 -8.11 0.15
C ASP D 172 15.65 -7.61 0.38
N LEU D 173 15.49 -6.31 0.52
CA LEU D 173 14.19 -5.76 0.92
C LEU D 173 13.50 -5.19 -0.28
N PRO D 174 12.15 -5.19 -0.27
CA PRO D 174 11.42 -4.67 -1.42
C PRO D 174 11.62 -3.17 -1.58
N VAL D 175 11.33 -2.70 -2.78
CA VAL D 175 11.59 -1.34 -3.20
C VAL D 175 10.94 -0.24 -2.33
N ASP D 176 9.81 -0.53 -1.71
CA ASP D 176 9.12 0.49 -0.91
C ASP D 176 9.52 0.49 0.58
N TRP D 177 10.50 -0.33 0.98
CA TRP D 177 11.08 -0.21 2.31
C TRP D 177 12.12 0.92 2.23
N GLU D 178 12.01 1.91 3.10
CA GLU D 178 12.89 3.06 3.04
C GLU D 178 13.60 3.24 4.36
N PRO D 179 14.93 3.10 4.35
CA PRO D 179 15.72 3.23 5.57
C PRO D 179 15.87 4.65 6.01
N LEU D 180 15.69 4.88 7.31
CA LEU D 180 15.68 6.22 7.83
C LEU D 180 16.79 6.45 8.82
N GLY D 181 17.98 5.97 8.47
CA GLY D 181 19.16 6.14 9.29
C GLY D 181 19.65 4.86 9.90
N ALA D 182 20.47 4.98 10.93
CA ALA D 182 20.92 3.83 11.69
C ALA D 182 21.05 4.22 13.13
N ILE D 183 20.85 3.25 14.01
CA ILE D 183 20.89 3.47 15.43
C ILE D 183 21.92 2.52 16.04
N ALA D 184 23.04 3.10 16.47
CA ALA D 184 24.10 2.41 17.20
C ALA D 184 23.66 2.33 18.66
N ILE D 185 23.91 1.18 19.28
CA ILE D 185 23.40 0.91 20.61
C ILE D 185 24.48 0.24 21.39
N GLY D 186 24.67 0.70 22.62
CA GLY D 186 25.64 0.07 23.53
C GLY D 186 25.66 0.77 24.88
N TYR D 187 26.48 0.27 25.80
CA TYR D 187 26.71 0.98 27.04
C TYR D 187 27.71 2.11 26.79
N ALA D 188 27.35 3.33 27.20
CA ALA D 188 28.23 4.49 27.07
C ALA D 188 29.56 4.22 27.74
N ASP D 189 30.64 4.56 27.06
CA ASP D 189 31.99 4.38 27.59
C ASP D 189 32.15 5.17 28.89
N GLU D 190 31.79 6.44 28.85
CA GLU D 190 31.76 7.31 30.02
C GLU D 190 30.31 7.60 30.31
N PRO D 191 29.82 7.18 31.49
CA PRO D 191 28.44 7.44 31.92
C PRO D 191 28.24 8.94 32.16
N SER D 192 27.48 9.61 31.29
CA SER D 192 27.14 11.01 31.50
C SER D 192 25.97 11.12 32.48
N GLY D 193 25.80 12.29 33.08
CA GLY D 193 24.64 12.57 33.91
C GLY D 193 23.43 12.92 33.05
N LEU D 194 22.45 13.55 33.67
CA LEU D 194 21.27 14.08 32.98
C LEU D 194 21.64 15.41 32.31
N ARG D 195 21.26 15.60 31.06
CA ARG D 195 21.26 16.94 30.44
C ARG D 195 20.21 17.85 31.10
N ASP D 196 20.47 19.15 31.18
CA ASP D 196 19.52 20.13 31.73
C ASP D 196 19.07 21.07 30.59
N PRO D 197 17.87 20.85 30.00
CA PRO D 197 17.51 21.44 28.69
C PRO D 197 17.41 22.97 28.67
N VAL D 198 18.13 23.60 27.72
CA VAL D 198 18.18 25.05 27.60
C VAL D 198 16.84 25.57 27.10
N PRO D 199 16.47 26.80 27.48
CA PRO D 199 15.23 27.46 27.11
C PRO D 199 14.97 27.43 25.59
N ALA D 200 13.70 27.37 25.21
CA ALA D 200 13.32 27.37 23.80
C ALA D 200 13.69 28.69 23.13
N ASP D 202 14.13 30.96 21.00
CA ASP D 202 13.97 31.16 19.55
C ASP D 202 13.15 30.05 18.84
N LEU D 203 13.04 28.86 19.43
CA LEU D 203 12.40 27.71 18.75
C LEU D 203 10.88 27.55 18.96
N LEU D 204 10.30 28.39 19.79
CA LEU D 204 8.85 28.44 19.90
C LEU D 204 8.38 29.73 19.18
N ILE D 205 7.28 29.66 18.43
CA ILE D 205 6.79 30.80 17.69
C ILE D 205 5.33 30.96 18.07
N LEU D 206 4.92 32.17 18.40
CA LEU D 206 3.57 32.43 18.90
C LEU D 206 2.71 33.13 17.83
N LYS D 207 1.54 32.56 17.53
CA LYS D 207 0.62 33.07 16.50
C LYS D 207 -0.82 32.98 16.90
#